data_6NAB
#
_entry.id   6NAB
#
_cell.length_a   156.930
_cell.length_b   66.100
_cell.length_c   112.980
_cell.angle_alpha   90.000
_cell.angle_beta   102.030
_cell.angle_gamma   90.000
#
_symmetry.space_group_name_H-M   'C 1 2 1'
#
loop_
_entity.id
_entity.type
_entity.pdbx_description
1 polymer 'Prolyl-tRNA synthetase'
2 non-polymer 'ADENOSINE MONOPHOSPHATE'
3 non-polymer PROLINE
4 non-polymer 'MAGNESIUM ION'
5 non-polymer 1,2-ETHANEDIOL
6 water water
#
_entity_poly.entity_id   1
_entity_poly.type   'polypeptide(L)'
_entity_poly.pdbx_seq_one_letter_code
;MAHHHHHHKQNEGIDVKKQENFSEWYSQVITKSEFLDYYDVSGCYIFRPNCWFVWESVQKFFDAEIKKLGVQNVMFPLFV
TKRALETEKDHVEGFSPEVAWVTKSGNSDLQEPIALRPTSETIMYPSYAKWIQSHRDLPLKLNQWTNVVRWEFKHAVPFI
RSREFYWQEGHSAFKSKEEADEEVFTILELYKRVYEELLAVPVIKGTKTENEKFAGADYTTTVETFIATNGRAVQGGTSH
HLGQNFSKMFKIQFEAENKETQFAYQNSWGLSTRTLGVMIMVHGDDKGMVLPPRVAFCQVVVIPLIFKDKDNATLVEKTK
EIYNELEKAGIRVKLDDRLERTPGWKYNYWELRGVPLRIEVGPKDLEKQQIMLCRRDTGEKWTMPLSEFSGDSIKAVLDK
IHDSMLNKARKEMNERIVVTRTWPEFIKALNSGNMCLIPWHESKAAEEYIKEKSKLESVQSQSDANTGLTGAAKSLCVPL
DQSSFPSLEGLENFYPEEAHKKPNCWALFGRSY
;
_entity_poly.pdbx_strand_id   A,B
#
loop_
_chem_comp.id
_chem_comp.type
_chem_comp.name
_chem_comp.formula
AMP non-polymer 'ADENOSINE MONOPHOSPHATE' 'C10 H14 N5 O7 P'
EDO non-polymer 1,2-ETHANEDIOL 'C2 H6 O2'
MG non-polymer 'MAGNESIUM ION' 'Mg 2'
#
# COMPACT_ATOMS: atom_id res chain seq x y z
N GLU A 12 28.53 9.44 9.81
CA GLU A 12 28.97 10.03 11.07
C GLU A 12 28.18 11.29 11.40
N GLY A 13 28.48 12.38 10.68
CA GLY A 13 27.78 13.63 10.86
C GLY A 13 27.77 14.38 9.54
N ILE A 14 27.03 15.48 9.52
CA ILE A 14 26.92 16.27 8.30
C ILE A 14 28.11 17.21 8.21
N ASP A 15 28.85 17.15 7.10
CA ASP A 15 30.06 17.94 6.96
C ASP A 15 29.97 19.06 5.94
N VAL A 16 28.79 19.34 5.36
CA VAL A 16 28.58 20.56 4.60
C VAL A 16 27.31 21.22 5.11
N LYS A 17 27.35 22.54 5.21
CA LYS A 17 26.19 23.27 5.71
C LYS A 17 25.12 23.36 4.62
N LYS A 18 23.88 23.51 5.07
CA LYS A 18 22.74 23.60 4.14
C LYS A 18 22.94 24.70 3.10
N GLN A 19 23.45 25.86 3.51
CA GLN A 19 23.63 26.99 2.60
C GLN A 19 24.97 26.95 1.87
N GLU A 20 25.85 26.01 2.19
CA GLU A 20 27.15 25.88 1.54
C GLU A 20 27.06 25.07 0.26
N ASN A 21 26.31 23.96 0.29
CA ASN A 21 26.18 23.08 -0.88
C ASN A 21 24.86 22.32 -0.66
N PHE A 22 23.78 22.87 -1.20
CA PHE A 22 22.45 22.39 -0.82
C PHE A 22 22.23 20.93 -1.24
N SER A 23 22.64 20.57 -2.46
CA SER A 23 22.39 19.21 -2.92
C SER A 23 23.26 18.21 -2.17
N GLU A 24 24.50 18.58 -1.84
CA GLU A 24 25.36 17.68 -1.06
C GLU A 24 24.85 17.55 0.38
N TRP A 25 24.45 18.66 1.00
CA TRP A 25 23.79 18.62 2.30
C TRP A 25 22.58 17.69 2.27
N TYR A 26 21.74 17.83 1.23
CA TYR A 26 20.53 17.02 1.13
C TYR A 26 20.87 15.53 1.08
N SER A 27 21.84 15.16 0.24
CA SER A 27 22.25 13.77 0.14
C SER A 27 22.73 13.22 1.47
N GLN A 28 23.59 13.97 2.15
CA GLN A 28 24.13 13.53 3.43
C GLN A 28 23.02 13.41 4.49
N VAL A 29 22.10 14.37 4.53
CA VAL A 29 21.09 14.31 5.58
C VAL A 29 20.15 13.13 5.36
N ILE A 30 19.74 12.88 4.11
CA ILE A 30 18.76 11.81 3.91
C ILE A 30 19.40 10.43 4.07
N THR A 31 20.69 10.29 3.81
CA THR A 31 21.32 8.98 3.99
C THR A 31 21.82 8.76 5.40
N LYS A 32 22.48 9.77 5.99
CA LYS A 32 23.06 9.57 7.32
C LYS A 32 22.01 9.49 8.41
N SER A 33 20.84 10.06 8.19
CA SER A 33 19.71 9.90 9.11
C SER A 33 19.01 8.55 8.97
N GLU A 34 19.47 7.69 8.08
CA GLU A 34 18.84 6.39 7.80
C GLU A 34 17.45 6.56 7.20
N PHE A 35 17.21 7.67 6.51
CA PHE A 35 15.94 7.80 5.80
C PHE A 35 15.96 7.06 4.48
N LEU A 36 17.02 7.24 3.69
CA LEU A 36 16.99 6.82 2.30
C LEU A 36 18.34 6.28 1.87
N ASP A 37 18.32 5.29 0.98
CA ASP A 37 19.54 4.80 0.35
C ASP A 37 19.41 4.86 -1.17
N TYR A 38 20.56 5.04 -1.83
CA TYR A 38 20.61 5.03 -3.29
C TYR A 38 20.55 3.59 -3.79
N TYR A 39 20.32 3.45 -5.09
CA TYR A 39 19.96 2.18 -5.72
C TYR A 39 20.55 2.13 -7.12
N ASP A 40 20.69 0.93 -7.68
CA ASP A 40 21.38 0.80 -8.96
C ASP A 40 20.43 0.93 -10.15
N VAL A 41 19.23 1.47 -9.96
CA VAL A 41 18.37 1.87 -11.06
C VAL A 41 18.18 3.36 -10.94
N SER A 42 18.55 4.07 -12.00
CA SER A 42 18.64 5.52 -11.94
C SER A 42 17.29 6.13 -11.56
N GLY A 43 17.31 7.08 -10.63
CA GLY A 43 16.11 7.79 -10.23
C GLY A 43 15.18 7.02 -9.31
N CYS A 44 15.60 5.88 -8.77
CA CYS A 44 14.81 5.10 -7.83
C CYS A 44 15.59 4.99 -6.53
N TYR A 45 14.86 5.01 -5.40
CA TYR A 45 15.47 5.09 -4.08
C TYR A 45 14.81 4.12 -3.13
N ILE A 46 15.54 3.78 -2.06
CA ILE A 46 15.08 2.83 -1.05
C ILE A 46 14.56 3.62 0.16
N PHE A 47 13.31 3.37 0.57
CA PHE A 47 12.73 4.06 1.73
C PHE A 47 12.94 3.16 2.95
N ARG A 48 13.81 3.59 3.85
CA ARG A 48 14.10 2.85 5.09
C ARG A 48 13.01 3.10 6.13
N PRO A 49 12.97 2.32 7.24
CA PRO A 49 11.80 2.38 8.15
C PRO A 49 11.43 3.77 8.66
N ASN A 50 12.39 4.57 9.14
CA ASN A 50 12.06 5.88 9.70
C ASN A 50 11.42 6.78 8.66
N CYS A 51 11.79 6.56 7.40
CA CYS A 51 11.27 7.34 6.29
C CYS A 51 9.90 6.85 5.85
N TRP A 52 9.75 5.54 5.61
CA TRP A 52 8.46 5.00 5.22
C TRP A 52 7.39 5.27 6.29
N PHE A 53 7.81 5.37 7.56
CA PHE A 53 6.89 5.74 8.63
C PHE A 53 6.18 7.07 8.34
N VAL A 54 6.90 8.04 7.76
CA VAL A 54 6.27 9.32 7.45
C VAL A 54 5.15 9.12 6.43
N TRP A 55 5.41 8.31 5.40
CA TRP A 55 4.37 8.12 4.38
C TRP A 55 3.19 7.32 4.93
N GLU A 56 3.45 6.31 5.77
CA GLU A 56 2.35 5.60 6.42
C GLU A 56 1.53 6.54 7.29
N SER A 57 2.19 7.50 7.96
CA SER A 57 1.46 8.48 8.76
C SER A 57 0.56 9.34 7.89
N VAL A 58 1.06 9.79 6.73
CA VAL A 58 0.24 10.55 5.80
C VAL A 58 -0.94 9.70 5.32
N GLN A 59 -0.65 8.44 4.95
CA GLN A 59 -1.71 7.52 4.50
CA GLN A 59 -1.71 7.52 4.50
C GLN A 59 -2.83 7.43 5.52
N LYS A 60 -2.49 7.19 6.79
CA LYS A 60 -3.53 6.94 7.79
C LYS A 60 -4.37 8.19 8.02
N PHE A 61 -3.74 9.36 8.10
CA PHE A 61 -4.50 10.60 8.26
C PHE A 61 -5.40 10.86 7.08
N PHE A 62 -4.84 10.78 5.87
CA PHE A 62 -5.59 11.13 4.66
C PHE A 62 -6.70 10.12 4.40
N ASP A 63 -6.41 8.83 4.60
CA ASP A 63 -7.43 7.80 4.45
CA ASP A 63 -7.44 7.79 4.46
C ASP A 63 -8.64 8.08 5.34
N ALA A 64 -8.40 8.42 6.61
CA ALA A 64 -9.50 8.69 7.53
C ALA A 64 -10.32 9.90 7.10
N GLU A 65 -9.68 10.91 6.51
CA GLU A 65 -10.41 12.11 6.10
C GLU A 65 -11.26 11.85 4.86
N ILE A 66 -10.74 11.12 3.86
CA ILE A 66 -11.54 10.91 2.66
C ILE A 66 -12.64 9.88 2.90
N LYS A 67 -12.49 9.00 3.89
CA LYS A 67 -13.60 8.11 4.23
CA LYS A 67 -13.60 8.11 4.23
C LYS A 67 -14.80 8.90 4.71
N LYS A 68 -14.56 10.01 5.44
CA LYS A 68 -15.66 10.89 5.84
C LYS A 68 -16.38 11.45 4.62
N LEU A 69 -15.72 11.51 3.46
CA LEU A 69 -16.32 12.08 2.26
C LEU A 69 -17.01 11.02 1.39
N GLY A 70 -16.98 9.76 1.78
CA GLY A 70 -17.55 8.68 0.98
C GLY A 70 -16.62 8.09 -0.05
N VAL A 71 -15.34 8.45 -0.02
CA VAL A 71 -14.38 7.88 -0.97
C VAL A 71 -14.01 6.46 -0.53
N GLN A 72 -13.86 5.55 -1.50
CA GLN A 72 -13.54 4.14 -1.22
C GLN A 72 -12.22 3.76 -1.89
N ASN A 73 -11.41 2.96 -1.20
CA ASN A 73 -10.14 2.48 -1.74
C ASN A 73 -10.32 1.27 -2.66
N VAL A 74 -9.52 1.22 -3.72
CA VAL A 74 -9.54 0.18 -4.73
C VAL A 74 -8.10 -0.15 -5.10
N MET A 75 -7.93 -1.07 -6.05
CA MET A 75 -6.63 -1.25 -6.69
C MET A 75 -6.85 -1.64 -8.14
N PHE A 76 -6.39 -0.79 -9.06
CA PHE A 76 -6.38 -1.07 -10.49
C PHE A 76 -5.00 -1.53 -10.92
N PRO A 77 -4.87 -2.13 -12.11
CA PRO A 77 -3.58 -2.72 -12.50
C PRO A 77 -2.49 -1.69 -12.77
N LEU A 78 -1.25 -2.18 -12.66
CA LEU A 78 -0.04 -1.41 -13.00
C LEU A 78 0.08 -1.13 -14.49
N PHE A 79 -0.44 -2.03 -15.33
CA PHE A 79 -0.25 -2.01 -16.77
C PHE A 79 -1.42 -1.34 -17.47
N VAL A 80 -1.11 -0.68 -18.58
CA VAL A 80 -2.13 -0.06 -19.43
C VAL A 80 -1.77 -0.35 -20.89
N THR A 81 -2.80 -0.61 -21.71
CA THR A 81 -2.56 -0.91 -23.11
C THR A 81 -2.28 0.36 -23.90
N LYS A 82 -1.60 0.18 -25.02
CA LYS A 82 -1.39 1.28 -25.96
C LYS A 82 -2.73 1.88 -26.39
N ARG A 83 -3.72 1.02 -26.70
CA ARG A 83 -5.00 1.51 -27.16
C ARG A 83 -5.67 2.40 -26.12
N ALA A 84 -5.68 1.96 -24.85
CA ALA A 84 -6.28 2.77 -23.80
C ALA A 84 -5.52 4.08 -23.62
N LEU A 85 -4.19 3.98 -23.56
CA LEU A 85 -3.36 5.15 -23.32
C LEU A 85 -3.61 6.22 -24.37
N GLU A 86 -3.85 5.81 -25.62
CA GLU A 86 -4.04 6.72 -26.75
C GLU A 86 -5.49 7.22 -26.89
N THR A 87 -6.35 7.02 -25.90
CA THR A 87 -7.76 7.37 -26.08
C THR A 87 -7.98 8.88 -25.96
N GLU A 88 -7.38 9.54 -24.98
CA GLU A 88 -7.59 10.97 -24.77
C GLU A 88 -6.47 11.76 -25.44
N LYS A 89 -6.85 12.69 -26.30
CA LYS A 89 -5.89 13.39 -27.15
C LYS A 89 -4.86 14.14 -26.32
N ASP A 90 -5.29 15.10 -25.49
CA ASP A 90 -4.36 15.90 -24.71
C ASP A 90 -3.53 15.04 -23.76
N HIS A 91 -4.17 14.09 -23.06
CA HIS A 91 -3.49 13.29 -22.03
C HIS A 91 -2.30 12.52 -22.58
N VAL A 92 -2.49 11.76 -23.66
CA VAL A 92 -1.40 10.92 -24.18
C VAL A 92 -0.26 11.78 -24.74
N GLU A 93 -0.60 12.92 -25.36
CA GLU A 93 0.43 13.80 -25.90
C GLU A 93 1.32 14.37 -24.81
N GLY A 94 0.75 14.65 -23.63
CA GLY A 94 1.48 15.22 -22.51
C GLY A 94 2.28 14.24 -21.66
N PHE A 95 2.06 12.93 -21.82
CA PHE A 95 2.74 11.91 -21.01
C PHE A 95 3.63 10.95 -21.78
N SER A 96 3.42 10.78 -23.12
CA SER A 96 4.12 9.83 -23.99
C SER A 96 5.64 9.67 -23.74
N PRO A 97 6.45 10.73 -23.77
CA PRO A 97 7.90 10.51 -23.62
C PRO A 97 8.32 9.93 -22.27
N GLU A 98 7.47 10.03 -21.24
CA GLU A 98 7.81 9.54 -19.91
C GLU A 98 7.24 8.14 -19.65
N VAL A 99 6.64 7.51 -20.63
CA VAL A 99 5.99 6.21 -20.44
C VAL A 99 7.02 5.08 -20.65
N ALA A 100 7.15 4.21 -19.65
CA ALA A 100 8.00 3.02 -19.73
C ALA A 100 7.19 1.85 -20.28
N TRP A 101 7.81 1.08 -21.19
CA TRP A 101 7.14 0.00 -21.91
C TRP A 101 7.77 -1.35 -21.60
N VAL A 102 6.91 -2.31 -21.22
CA VAL A 102 7.28 -3.72 -21.11
C VAL A 102 7.09 -4.38 -22.46
N THR A 103 8.13 -5.03 -22.96
CA THR A 103 8.05 -5.61 -24.29
C THR A 103 8.31 -7.10 -24.33
N LYS A 104 8.79 -7.71 -23.25
CA LYS A 104 9.08 -9.14 -23.28
C LYS A 104 8.93 -9.71 -21.87
N SER A 105 8.69 -11.01 -21.81
CA SER A 105 8.74 -11.77 -20.56
C SER A 105 9.68 -12.94 -20.76
N GLY A 106 10.58 -13.14 -19.80
CA GLY A 106 11.64 -14.11 -20.00
C GLY A 106 12.39 -13.72 -21.24
N ASN A 107 12.46 -14.65 -22.20
CA ASN A 107 13.04 -14.38 -23.51
C ASN A 107 11.97 -14.19 -24.59
N SER A 108 10.69 -14.17 -24.24
CA SER A 108 9.61 -14.18 -25.22
C SER A 108 8.99 -12.79 -25.32
N ASP A 109 8.95 -12.27 -26.55
CA ASP A 109 8.33 -10.97 -26.82
C ASP A 109 6.83 -11.01 -26.61
N LEU A 110 6.28 -9.96 -26.01
CA LEU A 110 4.83 -9.81 -25.95
C LEU A 110 4.30 -9.52 -27.35
N GLN A 111 3.07 -9.97 -27.62
CA GLN A 111 2.46 -9.64 -28.91
C GLN A 111 2.31 -8.13 -29.06
N GLU A 112 1.97 -7.45 -27.98
CA GLU A 112 1.79 -6.00 -27.96
C GLU A 112 2.52 -5.49 -26.72
N PRO A 113 3.48 -4.57 -26.85
CA PRO A 113 4.05 -3.97 -25.65
C PRO A 113 2.96 -3.32 -24.81
N ILE A 114 3.18 -3.31 -23.50
CA ILE A 114 2.25 -2.72 -22.55
C ILE A 114 3.05 -1.76 -21.67
N ALA A 115 2.37 -0.71 -21.22
CA ALA A 115 3.03 0.40 -20.53
C ALA A 115 2.83 0.33 -19.02
N LEU A 116 3.78 0.92 -18.28
CA LEU A 116 3.65 1.13 -16.84
C LEU A 116 2.89 2.42 -16.56
N ARG A 117 1.96 2.37 -15.63
CA ARG A 117 1.08 3.51 -15.39
C ARG A 117 1.86 4.77 -15.00
N PRO A 118 1.71 5.86 -15.73
CA PRO A 118 2.21 7.15 -15.25
C PRO A 118 1.18 7.87 -14.39
N THR A 119 -0.08 7.42 -14.50
CA THR A 119 -1.29 7.95 -13.86
C THR A 119 -2.41 7.08 -14.41
N SER A 120 -3.54 7.03 -13.70
CA SER A 120 -4.47 5.94 -13.95
C SER A 120 -5.79 6.34 -14.62
N GLU A 121 -5.92 7.59 -15.11
CA GLU A 121 -7.14 7.97 -15.82
C GLU A 121 -7.52 6.95 -16.90
N THR A 122 -6.59 6.60 -17.79
CA THR A 122 -6.93 5.72 -18.90
C THR A 122 -7.03 4.26 -18.49
N ILE A 123 -6.56 3.92 -17.29
CA ILE A 123 -6.70 2.56 -16.76
C ILE A 123 -8.09 2.36 -16.15
N MET A 124 -8.60 3.39 -15.46
CA MET A 124 -9.82 3.28 -14.67
C MET A 124 -11.09 3.65 -15.43
N TYR A 125 -11.01 4.60 -16.35
CA TYR A 125 -12.25 5.18 -16.87
C TYR A 125 -13.03 4.27 -17.82
N PRO A 126 -12.43 3.30 -18.52
CA PRO A 126 -13.29 2.31 -19.18
C PRO A 126 -14.18 1.59 -18.20
N SER A 127 -13.70 1.33 -16.98
CA SER A 127 -14.56 0.75 -15.95
C SER A 127 -15.62 1.72 -15.47
N TYR A 128 -15.26 3.00 -15.31
CA TYR A 128 -16.27 3.99 -14.94
C TYR A 128 -17.42 4.02 -15.94
N ALA A 129 -17.10 3.91 -17.23
CA ALA A 129 -18.15 3.91 -18.25
C ALA A 129 -19.07 2.71 -18.10
N LYS A 130 -18.55 1.57 -17.64
CA LYS A 130 -19.41 0.40 -17.46
C LYS A 130 -20.20 0.50 -16.14
N TRP A 131 -19.57 0.96 -15.07
CA TRP A 131 -20.22 0.96 -13.75
C TRP A 131 -21.27 2.06 -13.63
N ILE A 132 -21.15 3.15 -14.37
CA ILE A 132 -22.07 4.27 -14.25
C ILE A 132 -23.09 4.18 -15.39
N GLN A 133 -24.36 4.01 -15.03
CA GLN A 133 -25.42 3.94 -16.03
C GLN A 133 -26.55 4.92 -15.71
N SER A 134 -26.73 5.25 -14.43
CA SER A 134 -27.82 6.09 -13.99
C SER A 134 -27.31 7.11 -13.00
N HIS A 135 -28.10 8.18 -12.80
CA HIS A 135 -27.74 9.17 -11.80
C HIS A 135 -27.67 8.55 -10.41
N ARG A 136 -28.36 7.42 -10.19
CA ARG A 136 -28.28 6.70 -8.92
C ARG A 136 -26.91 6.09 -8.69
N ASP A 137 -26.10 5.91 -9.75
CA ASP A 137 -24.73 5.42 -9.61
C ASP A 137 -23.72 6.52 -9.24
N LEU A 138 -24.17 7.76 -9.06
CA LEU A 138 -23.31 8.91 -8.80
C LEU A 138 -23.65 9.51 -7.45
N PRO A 139 -22.66 10.07 -6.73
CA PRO A 139 -21.25 10.14 -7.12
C PRO A 139 -20.52 8.82 -6.94
N LEU A 140 -19.54 8.59 -7.79
CA LEU A 140 -18.61 7.47 -7.68
C LEU A 140 -17.25 8.07 -7.35
N LYS A 141 -16.70 7.71 -6.19
CA LYS A 141 -15.50 8.33 -5.66
C LYS A 141 -14.56 7.23 -5.19
N LEU A 142 -13.45 7.06 -5.92
CA LEU A 142 -12.51 5.98 -5.64
C LEU A 142 -11.11 6.54 -5.48
N ASN A 143 -10.30 5.84 -4.68
CA ASN A 143 -8.94 6.23 -4.37
C ASN A 143 -8.09 4.97 -4.36
N GLN A 144 -6.82 5.11 -4.72
CA GLN A 144 -5.88 4.01 -4.54
C GLN A 144 -4.50 4.54 -4.15
N TRP A 145 -3.84 3.79 -3.26
CA TRP A 145 -2.45 4.03 -2.84
C TRP A 145 -1.56 3.12 -3.67
N THR A 146 -0.77 3.70 -4.58
CA THR A 146 -0.02 2.88 -5.52
C THR A 146 1.33 3.49 -5.85
N ASN A 147 2.13 2.72 -6.59
CA ASN A 147 3.35 3.24 -7.18
C ASN A 147 3.08 3.68 -8.63
N VAL A 148 3.89 4.63 -9.08
CA VAL A 148 3.72 5.32 -10.35
C VAL A 148 5.09 5.40 -11.01
N VAL A 149 5.12 5.29 -12.33
CA VAL A 149 6.38 5.34 -13.08
C VAL A 149 6.30 6.48 -14.08
N ARG A 150 7.23 7.41 -13.98
CA ARG A 150 7.37 8.46 -14.99
C ARG A 150 8.84 8.55 -15.34
N TRP A 151 9.16 8.24 -16.60
CA TRP A 151 10.56 8.19 -17.03
C TRP A 151 11.06 9.62 -17.22
N GLU A 152 11.25 10.29 -16.08
CA GLU A 152 11.59 11.71 -16.05
C GLU A 152 12.85 11.99 -16.88
N PHE A 153 12.76 13.01 -17.72
CA PHE A 153 13.94 13.47 -18.46
C PHE A 153 14.82 14.35 -17.59
N LYS A 154 14.22 15.20 -16.76
CA LYS A 154 14.98 16.03 -15.84
C LYS A 154 15.78 15.18 -14.86
N HIS A 155 16.82 15.79 -14.31
CA HIS A 155 17.63 15.21 -13.27
C HIS A 155 16.75 14.74 -12.11
N ALA A 156 16.93 13.49 -11.70
CA ALA A 156 16.13 12.98 -10.58
C ALA A 156 16.60 13.60 -9.27
N VAL A 157 15.65 13.80 -8.35
CA VAL A 157 15.90 14.38 -7.05
C VAL A 157 15.20 13.50 -6.02
N PRO A 158 15.90 12.97 -5.02
CA PRO A 158 15.24 12.10 -4.04
C PRO A 158 13.97 12.73 -3.48
N PHE A 159 12.89 11.93 -3.45
CA PHE A 159 11.55 12.34 -3.02
C PHE A 159 10.90 13.33 -3.98
N ILE A 160 11.57 14.46 -4.26
CA ILE A 160 10.97 15.52 -5.05
C ILE A 160 10.63 15.03 -6.44
N ARG A 161 11.55 14.31 -7.09
CA ARG A 161 11.37 13.93 -8.50
C ARG A 161 12.05 12.57 -8.71
N SER A 162 11.30 11.51 -8.45
CA SER A 162 11.83 10.16 -8.64
C SER A 162 11.15 9.51 -9.84
N ARG A 163 11.86 8.58 -10.47
CA ARG A 163 11.27 7.92 -11.63
C ARG A 163 10.20 6.91 -11.24
N GLU A 164 10.34 6.26 -10.10
CA GLU A 164 9.21 5.61 -9.45
C GLU A 164 8.87 6.41 -8.20
N PHE A 165 7.59 6.70 -8.01
CA PHE A 165 7.19 7.35 -6.78
C PHE A 165 5.88 6.72 -6.32
N TYR A 166 5.51 7.04 -5.09
CA TYR A 166 4.35 6.48 -4.41
C TYR A 166 3.37 7.61 -4.13
N TRP A 167 2.07 7.34 -4.32
CA TRP A 167 1.09 8.39 -4.14
C TRP A 167 -0.24 7.77 -3.73
N GLN A 168 -1.22 8.64 -3.48
CA GLN A 168 -2.61 8.28 -3.67
C GLN A 168 -3.12 9.08 -4.87
N GLU A 169 -4.02 8.47 -5.64
CA GLU A 169 -4.73 9.17 -6.70
C GLU A 169 -6.21 8.90 -6.50
N GLY A 170 -6.98 9.97 -6.35
CA GLY A 170 -8.43 9.89 -6.22
C GLY A 170 -9.08 10.26 -7.55
N HIS A 171 -10.15 9.56 -7.90
CA HIS A 171 -10.86 9.75 -9.16
C HIS A 171 -12.35 9.71 -8.87
N SER A 172 -13.05 10.84 -9.07
CA SER A 172 -14.46 10.96 -8.77
C SER A 172 -15.25 11.38 -9.99
N ALA A 173 -16.49 10.89 -10.06
CA ALA A 173 -17.43 11.26 -11.12
C ALA A 173 -18.72 11.74 -10.48
N PHE A 174 -19.28 12.81 -11.03
CA PHE A 174 -20.45 13.48 -10.48
C PHE A 174 -21.49 13.75 -11.57
N LYS A 175 -22.71 14.00 -11.13
CA LYS A 175 -23.75 14.36 -12.09
C LYS A 175 -23.70 15.83 -12.49
N SER A 176 -22.97 16.66 -11.75
CA SER A 176 -23.03 18.09 -12.01
C SER A 176 -21.67 18.73 -11.75
N LYS A 177 -21.47 19.88 -12.40
CA LYS A 177 -20.23 20.64 -12.22
C LYS A 177 -20.10 21.17 -10.80
N GLU A 178 -21.22 21.61 -10.22
CA GLU A 178 -21.21 22.18 -8.88
C GLU A 178 -20.67 21.19 -7.85
N GLU A 179 -21.16 19.95 -7.89
CA GLU A 179 -20.64 18.91 -7.00
C GLU A 179 -19.16 18.65 -7.26
N ALA A 180 -18.77 18.64 -8.53
CA ALA A 180 -17.37 18.39 -8.86
C ALA A 180 -16.49 19.53 -8.34
N ASP A 181 -16.91 20.79 -8.56
CA ASP A 181 -16.13 21.92 -8.08
C ASP A 181 -15.93 21.84 -6.57
N GLU A 182 -17.01 21.55 -5.84
CA GLU A 182 -16.91 21.44 -4.39
C GLU A 182 -15.87 20.41 -3.97
N GLU A 183 -15.83 19.25 -4.63
CA GLU A 183 -14.83 18.27 -4.22
C GLU A 183 -13.41 18.76 -4.48
N VAL A 184 -13.17 19.41 -5.62
CA VAL A 184 -11.81 19.87 -5.95
C VAL A 184 -11.21 20.65 -4.78
N PHE A 185 -11.97 21.61 -4.24
CA PHE A 185 -11.43 22.45 -3.19
C PHE A 185 -11.50 21.79 -1.84
N THR A 186 -12.38 20.82 -1.65
CA THR A 186 -12.37 20.03 -0.42
C THR A 186 -11.10 19.20 -0.32
N ILE A 187 -10.72 18.52 -1.41
CA ILE A 187 -9.48 17.74 -1.39
C ILE A 187 -8.28 18.68 -1.24
N LEU A 188 -8.30 19.83 -1.93
CA LEU A 188 -7.21 20.78 -1.83
C LEU A 188 -7.00 21.24 -0.39
N GLU A 189 -8.09 21.49 0.35
CA GLU A 189 -7.97 21.78 1.77
C GLU A 189 -7.35 20.62 2.54
N LEU A 190 -7.70 19.38 2.17
CA LEU A 190 -7.08 18.22 2.83
C LEU A 190 -5.57 18.19 2.57
N TYR A 191 -5.15 18.53 1.34
CA TYR A 191 -3.72 18.59 1.06
C TYR A 191 -3.05 19.68 1.89
N LYS A 192 -3.69 20.84 2.00
CA LYS A 192 -3.19 21.87 2.89
C LYS A 192 -3.03 21.34 4.31
N ARG A 193 -4.00 20.55 4.77
CA ARG A 193 -3.94 20.01 6.13
C ARG A 193 -2.82 18.99 6.30
N VAL A 194 -2.58 18.14 5.30
CA VAL A 194 -1.44 17.22 5.39
C VAL A 194 -0.16 18.00 5.60
N TYR A 195 0.08 19.02 4.77
CA TYR A 195 1.33 19.77 4.85
C TYR A 195 1.43 20.53 6.18
N GLU A 196 0.38 21.26 6.58
CA GLU A 196 0.50 22.12 7.75
C GLU A 196 0.33 21.35 9.06
N GLU A 197 -0.65 20.45 9.14
CA GLU A 197 -0.95 19.79 10.42
C GLU A 197 -0.10 18.54 10.68
N LEU A 198 0.37 17.84 9.65
CA LEU A 198 1.30 16.73 9.83
C LEU A 198 2.76 17.14 9.61
N LEU A 199 3.05 17.88 8.53
CA LEU A 199 4.44 18.11 8.15
C LEU A 199 4.96 19.48 8.59
N ALA A 200 4.10 20.32 9.18
CA ALA A 200 4.46 21.67 9.63
C ALA A 200 5.06 22.50 8.48
N VAL A 201 4.58 22.28 7.28
CA VAL A 201 5.00 23.01 6.07
C VAL A 201 3.85 23.92 5.66
N PRO A 202 4.09 25.23 5.50
CA PRO A 202 3.01 26.13 5.06
C PRO A 202 2.81 26.07 3.55
N VAL A 203 1.58 26.31 3.11
CA VAL A 203 1.27 26.22 1.70
C VAL A 203 0.55 27.46 1.23
N ILE A 204 0.56 27.64 -0.10
CA ILE A 204 -0.26 28.64 -0.78
C ILE A 204 -1.16 27.90 -1.77
N LYS A 205 -2.47 28.05 -1.60
CA LYS A 205 -3.43 27.45 -2.51
C LYS A 205 -3.60 28.33 -3.75
N GLY A 206 -3.66 27.69 -4.93
CA GLY A 206 -3.89 28.47 -6.13
C GLY A 206 -4.33 27.62 -7.31
N THR A 207 -4.58 28.30 -8.43
CA THR A 207 -4.95 27.69 -9.70
CA THR A 207 -4.92 27.64 -9.68
C THR A 207 -3.78 27.78 -10.66
N LYS A 208 -3.46 26.67 -11.34
CA LYS A 208 -2.43 26.70 -12.36
C LYS A 208 -2.90 27.51 -13.55
N THR A 209 -1.96 28.16 -14.23
CA THR A 209 -2.28 28.83 -15.48
C THR A 209 -2.54 27.78 -16.57
N GLU A 210 -3.03 28.26 -17.72
CA GLU A 210 -3.40 27.36 -18.81
C GLU A 210 -2.22 26.51 -19.26
N ASN A 211 -1.03 27.10 -19.35
CA ASN A 211 0.13 26.36 -19.83
C ASN A 211 0.57 25.27 -18.86
N GLU A 212 0.24 25.41 -17.58
CA GLU A 212 0.76 24.50 -16.58
C GLU A 212 -0.24 23.47 -16.08
N LYS A 213 -1.50 23.56 -16.51
CA LYS A 213 -2.55 22.68 -15.99
C LYS A 213 -2.41 21.27 -16.57
N PHE A 214 -3.06 20.31 -15.89
CA PHE A 214 -3.05 18.90 -16.30
C PHE A 214 -3.67 18.74 -17.68
N ALA A 215 -3.06 17.90 -18.50
CA ALA A 215 -3.57 17.61 -19.84
C ALA A 215 -4.95 16.97 -19.76
N GLY A 216 -5.93 17.62 -20.37
CA GLY A 216 -7.29 17.14 -20.31
C GLY A 216 -8.09 17.71 -19.16
N ALA A 217 -7.47 18.48 -18.27
CA ALA A 217 -8.22 19.13 -17.21
C ALA A 217 -8.88 20.40 -17.72
N ASP A 218 -10.02 20.76 -17.12
CA ASP A 218 -10.54 22.10 -17.33
CA ASP A 218 -10.57 22.10 -17.30
C ASP A 218 -9.78 23.11 -16.47
N TYR A 219 -9.46 22.76 -15.23
CA TYR A 219 -8.57 23.59 -14.43
C TYR A 219 -7.87 22.73 -13.39
N THR A 220 -6.68 23.18 -12.96
CA THR A 220 -5.88 22.49 -11.96
C THR A 220 -5.65 23.42 -10.80
N THR A 221 -5.91 22.94 -9.58
CA THR A 221 -5.51 23.63 -8.37
C THR A 221 -4.30 22.96 -7.72
N THR A 222 -3.58 23.72 -6.91
CA THR A 222 -2.31 23.24 -6.39
C THR A 222 -2.08 23.82 -5.00
N VAL A 223 -1.32 23.11 -4.17
CA VAL A 223 -0.74 23.68 -2.97
C VAL A 223 0.74 23.90 -3.25
N GLU A 224 1.17 25.16 -3.28
CA GLU A 224 2.56 25.47 -3.55
C GLU A 224 3.32 25.57 -2.23
N THR A 225 4.57 25.11 -2.25
CA THR A 225 5.47 25.15 -1.11
C THR A 225 6.75 25.85 -1.53
N PHE A 226 7.55 26.24 -0.54
CA PHE A 226 8.68 27.13 -0.77
C PHE A 226 9.93 26.58 -0.09
N ILE A 227 11.00 26.43 -0.86
CA ILE A 227 12.29 26.01 -0.33
C ILE A 227 13.15 27.26 -0.17
N ALA A 228 13.32 27.70 1.09
CA ALA A 228 13.98 28.97 1.39
C ALA A 228 15.47 28.97 1.04
N THR A 229 16.11 27.80 1.07
CA THR A 229 17.57 27.78 0.91
C THR A 229 17.99 28.25 -0.47
N ASN A 230 17.31 27.79 -1.53
CA ASN A 230 17.63 28.26 -2.87
C ASN A 230 16.48 29.04 -3.50
N GLY A 231 15.50 29.46 -2.71
CA GLY A 231 14.43 30.31 -3.21
C GLY A 231 13.58 29.68 -4.30
N ARG A 232 13.25 28.40 -4.17
CA ARG A 232 12.50 27.67 -5.20
C ARG A 232 11.18 27.14 -4.66
N ALA A 233 10.16 27.19 -5.50
CA ALA A 233 8.88 26.59 -5.17
C ALA A 233 8.86 25.10 -5.56
N VAL A 234 8.01 24.34 -4.87
CA VAL A 234 7.73 22.94 -5.19
C VAL A 234 6.21 22.80 -5.26
N GLN A 235 5.71 22.32 -6.39
CA GLN A 235 4.30 21.96 -6.50
C GLN A 235 4.03 20.76 -5.59
N GLY A 236 3.29 20.97 -4.50
CA GLY A 236 3.20 19.98 -3.45
C GLY A 236 2.09 18.95 -3.57
N GLY A 237 1.17 19.11 -4.51
CA GLY A 237 0.00 18.27 -4.63
C GLY A 237 -1.03 18.97 -5.50
N THR A 238 -1.83 18.22 -6.26
CA THR A 238 -2.72 18.86 -7.22
C THR A 238 -4.10 18.22 -7.19
N SER A 239 -5.10 19.05 -7.45
CA SER A 239 -6.49 18.62 -7.46
C SER A 239 -7.11 19.19 -8.73
N HIS A 240 -7.45 18.33 -9.69
CA HIS A 240 -7.91 18.72 -11.01
C HIS A 240 -9.41 18.59 -11.18
N HIS A 241 -10.02 19.57 -11.86
CA HIS A 241 -11.36 19.41 -12.41
C HIS A 241 -11.20 19.03 -13.88
N LEU A 242 -11.64 17.82 -14.22
CA LEU A 242 -11.51 17.33 -15.59
C LEU A 242 -12.71 17.67 -16.44
N GLY A 243 -13.74 18.28 -15.85
CA GLY A 243 -14.96 18.55 -16.59
C GLY A 243 -15.52 17.27 -17.20
N GLN A 244 -15.96 17.39 -18.46
CA GLN A 244 -16.44 16.25 -19.22
C GLN A 244 -15.43 15.83 -20.27
N ASN A 245 -14.18 16.29 -20.14
CA ASN A 245 -13.17 15.99 -21.15
C ASN A 245 -12.89 14.50 -21.22
N PHE A 246 -12.77 13.85 -20.07
CA PHE A 246 -12.49 12.41 -20.10
C PHE A 246 -13.75 11.58 -20.30
N SER A 247 -14.87 12.03 -19.74
CA SER A 247 -16.09 11.26 -19.91
C SER A 247 -16.57 11.27 -21.37
N LYS A 248 -16.28 12.34 -22.11
CA LYS A 248 -16.63 12.33 -23.53
C LYS A 248 -15.74 11.35 -24.30
N MET A 249 -14.46 11.25 -23.94
CA MET A 249 -13.59 10.36 -24.71
C MET A 249 -13.80 8.91 -24.31
N PHE A 250 -14.09 8.62 -23.03
CA PHE A 250 -14.33 7.25 -22.58
C PHE A 250 -15.81 6.89 -22.54
N LYS A 251 -16.70 7.81 -22.94
CA LYS A 251 -18.15 7.60 -22.97
C LYS A 251 -18.69 7.20 -21.59
N ILE A 252 -18.31 7.96 -20.57
CA ILE A 252 -18.89 7.82 -19.24
C ILE A 252 -20.16 8.65 -19.22
N GLN A 253 -21.31 8.00 -19.43
CA GLN A 253 -22.62 8.63 -19.56
C GLN A 253 -23.61 8.03 -18.56
N PHE A 254 -24.67 8.79 -18.27
CA PHE A 254 -25.69 8.33 -17.34
C PHE A 254 -27.06 8.89 -17.72
N GLU A 255 -28.10 8.10 -17.42
CA GLU A 255 -29.47 8.59 -17.58
C GLU A 255 -29.74 9.58 -16.45
N ALA A 256 -29.90 10.85 -16.82
CA ALA A 256 -29.93 11.97 -15.90
C ALA A 256 -31.32 12.23 -15.33
N GLU A 257 -31.42 13.30 -14.54
CA GLU A 257 -32.69 13.71 -13.97
C GLU A 257 -33.65 14.19 -15.05
N ASN A 258 -33.14 14.96 -16.03
CA ASN A 258 -33.98 15.44 -17.14
C ASN A 258 -34.30 14.35 -18.15
N LYS A 259 -34.09 13.08 -17.76
CA LYS A 259 -34.38 11.88 -18.52
C LYS A 259 -33.47 11.72 -19.74
N GLU A 260 -32.55 12.64 -19.96
CA GLU A 260 -31.58 12.63 -21.04
C GLU A 260 -30.29 11.92 -20.62
N THR A 261 -29.51 11.52 -21.63
CA THR A 261 -28.19 10.96 -21.39
C THR A 261 -27.19 12.10 -21.32
N GLN A 262 -26.37 12.11 -20.26
CA GLN A 262 -25.39 13.16 -20.07
C GLN A 262 -24.05 12.55 -19.73
N PHE A 263 -23.00 13.30 -20.03
CA PHE A 263 -21.65 12.90 -19.64
C PHE A 263 -21.38 13.29 -18.19
N ALA A 264 -20.66 12.43 -17.47
CA ALA A 264 -20.34 12.73 -16.08
C ALA A 264 -19.29 13.83 -15.99
N TYR A 265 -19.32 14.57 -14.88
CA TYR A 265 -18.27 15.52 -14.54
C TYR A 265 -17.26 14.81 -13.62
N GLN A 266 -15.98 14.97 -13.91
CA GLN A 266 -14.94 14.22 -13.22
C GLN A 266 -13.87 15.11 -12.62
N ASN A 267 -13.29 14.62 -11.53
CA ASN A 267 -12.07 15.16 -10.91
C ASN A 267 -11.07 14.03 -10.78
N SER A 268 -9.79 14.42 -10.71
CA SER A 268 -8.77 13.52 -10.18
C SER A 268 -7.79 14.37 -9.39
N TRP A 269 -7.17 13.75 -8.38
CA TRP A 269 -6.33 14.47 -7.42
C TRP A 269 -5.30 13.52 -6.84
N GLY A 270 -4.06 14.02 -6.70
CA GLY A 270 -2.94 13.20 -6.29
C GLY A 270 -1.93 13.89 -5.37
N LEU A 271 -1.46 13.14 -4.38
CA LEU A 271 -0.45 13.55 -3.41
C LEU A 271 0.58 12.44 -3.33
N SER A 272 1.87 12.80 -3.39
CA SER A 272 2.91 11.80 -3.50
C SER A 272 3.96 11.94 -2.40
N THR A 273 4.94 11.03 -2.44
CA THR A 273 6.10 11.07 -1.55
C THR A 273 7.00 12.27 -1.78
N ARG A 274 6.69 13.12 -2.76
CA ARG A 274 7.31 14.43 -2.82
C ARG A 274 7.15 15.19 -1.50
N THR A 275 6.03 14.96 -0.80
CA THR A 275 5.82 15.54 0.53
C THR A 275 7.04 15.42 1.43
N LEU A 276 7.66 14.23 1.44
CA LEU A 276 8.80 13.98 2.33
C LEU A 276 9.98 14.87 1.98
N GLY A 277 10.24 15.04 0.69
CA GLY A 277 11.34 15.91 0.29
C GLY A 277 11.13 17.36 0.70
N VAL A 278 9.91 17.87 0.53
CA VAL A 278 9.61 19.22 0.97
C VAL A 278 9.83 19.36 2.47
N MET A 279 9.30 18.39 3.24
CA MET A 279 9.46 18.40 4.69
C MET A 279 10.94 18.50 5.09
N ILE A 280 11.79 17.71 4.43
CA ILE A 280 13.21 17.69 4.77
C ILE A 280 13.87 18.99 4.33
N MET A 281 13.58 19.45 3.11
CA MET A 281 14.21 20.66 2.59
C MET A 281 13.81 21.88 3.38
N VAL A 282 12.57 21.90 3.89
CA VAL A 282 12.12 23.04 4.68
C VAL A 282 12.75 23.01 6.08
N HIS A 283 12.65 21.87 6.79
CA HIS A 283 12.95 21.87 8.23
C HIS A 283 14.37 21.43 8.59
N GLY A 284 15.02 20.63 7.75
CA GLY A 284 16.36 20.15 8.09
C GLY A 284 17.34 21.29 8.30
N ASP A 285 18.37 21.04 9.11
CA ASP A 285 19.34 22.09 9.41
C ASP A 285 20.75 21.50 9.32
N ASP A 286 21.73 22.23 9.84
CA ASP A 286 23.11 21.80 9.65
C ASP A 286 23.48 20.60 10.51
N LYS A 287 22.68 20.25 11.51
CA LYS A 287 22.94 19.05 12.28
C LYS A 287 22.19 17.82 11.75
N GLY A 288 21.31 17.99 10.77
CA GLY A 288 20.64 16.86 10.17
C GLY A 288 19.13 17.01 10.07
N MET A 289 18.41 15.89 10.20
CA MET A 289 16.96 15.90 10.11
C MET A 289 16.35 16.65 11.29
N VAL A 290 15.21 17.29 11.04
CA VAL A 290 14.36 17.87 12.08
C VAL A 290 12.94 17.40 11.78
N LEU A 291 12.43 16.48 12.58
CA LEU A 291 11.18 15.82 12.20
C LEU A 291 9.98 16.50 12.84
N PRO A 292 8.95 16.84 12.08
CA PRO A 292 7.70 17.26 12.69
C PRO A 292 7.17 16.17 13.59
N PRO A 293 6.78 16.51 14.83
CA PRO A 293 6.47 15.47 15.83
C PRO A 293 5.41 14.46 15.40
N ARG A 294 4.42 14.87 14.61
CA ARG A 294 3.33 13.97 14.30
C ARG A 294 3.70 12.94 13.24
N VAL A 295 4.85 13.09 12.58
CA VAL A 295 5.35 12.05 11.68
C VAL A 295 6.71 11.51 12.09
N ALA A 296 7.19 11.86 13.29
CA ALA A 296 8.48 11.39 13.77
C ALA A 296 8.38 9.93 14.19
N PHE A 297 9.22 9.08 13.60
CA PHE A 297 9.27 7.67 14.00
C PHE A 297 9.52 7.52 15.50
N CYS A 298 10.35 8.38 16.06
CA CYS A 298 10.52 8.49 17.50
C CYS A 298 10.32 9.95 17.87
N GLN A 299 9.35 10.21 18.72
CA GLN A 299 9.04 11.58 19.13
C GLN A 299 9.90 12.07 20.30
N VAL A 300 10.26 11.18 21.22
CA VAL A 300 10.98 11.53 22.44
C VAL A 300 12.04 10.47 22.71
N VAL A 301 13.26 10.90 22.98
CA VAL A 301 14.31 9.98 23.40
C VAL A 301 14.73 10.34 24.83
N VAL A 302 14.73 9.34 25.70
CA VAL A 302 15.08 9.49 27.12
C VAL A 302 16.50 8.99 27.31
N ILE A 303 17.36 9.83 27.87
CA ILE A 303 18.79 9.52 28.01
C ILE A 303 19.20 9.59 29.47
N PRO A 304 19.47 8.46 30.13
CA PRO A 304 20.01 8.53 31.50
C PRO A 304 21.49 8.89 31.47
N LEU A 305 21.88 9.88 32.28
CA LEU A 305 23.26 10.34 32.36
C LEU A 305 23.98 9.59 33.47
N ILE A 306 24.90 8.70 33.08
CA ILE A 306 25.58 7.83 34.03
C ILE A 306 27.10 8.01 33.96
N ASP A 311 26.81 5.29 42.47
CA ASP A 311 25.53 4.61 42.63
C ASP A 311 24.49 5.21 41.69
N ASN A 312 23.88 4.35 40.86
CA ASN A 312 22.97 4.79 39.81
C ASN A 312 21.63 4.06 39.83
N ALA A 313 21.41 3.16 40.80
CA ALA A 313 20.21 2.32 40.80
C ALA A 313 18.92 3.14 40.71
N THR A 314 18.81 4.18 41.54
CA THR A 314 17.58 4.98 41.57
C THR A 314 17.35 5.69 40.24
N LEU A 315 18.39 6.37 39.74
CA LEU A 315 18.27 7.10 38.48
C LEU A 315 17.79 6.19 37.34
N VAL A 316 18.26 4.95 37.31
CA VAL A 316 17.83 4.01 36.26
C VAL A 316 16.34 3.72 36.38
N GLU A 317 15.85 3.49 37.60
CA GLU A 317 14.43 3.16 37.77
C GLU A 317 13.55 4.36 37.43
N LYS A 318 13.96 5.57 37.81
CA LYS A 318 13.18 6.75 37.47
C LYS A 318 13.18 6.98 35.97
N THR A 319 14.32 6.71 35.33
CA THR A 319 14.41 6.77 33.87
C THR A 319 13.43 5.81 33.22
N LYS A 320 13.36 4.58 33.74
CA LYS A 320 12.43 3.60 33.19
C LYS A 320 10.98 4.03 33.39
N GLU A 321 10.67 4.64 34.55
CA GLU A 321 9.31 5.10 34.81
C GLU A 321 8.91 6.22 33.85
N ILE A 322 9.83 7.15 33.58
CA ILE A 322 9.56 8.19 32.59
C ILE A 322 9.24 7.58 31.23
N TYR A 323 10.08 6.64 30.78
CA TYR A 323 9.80 5.94 29.53
C TYR A 323 8.42 5.30 29.54
N ASN A 324 8.11 4.56 30.61
CA ASN A 324 6.84 3.82 30.71
C ASN A 324 5.65 4.76 30.71
N GLU A 325 5.74 5.89 31.41
CA GLU A 325 4.64 6.86 31.38
C GLU A 325 4.37 7.36 29.97
N LEU A 326 5.42 7.68 29.22
CA LEU A 326 5.22 8.18 27.87
C LEU A 326 4.70 7.10 26.95
N GLU A 327 5.22 5.87 27.09
CA GLU A 327 4.77 4.77 26.24
C GLU A 327 3.29 4.47 26.45
N LYS A 328 2.84 4.45 27.71
CA LYS A 328 1.41 4.23 27.98
C LYS A 328 0.57 5.36 27.42
N ALA A 329 1.12 6.58 27.36
CA ALA A 329 0.39 7.69 26.78
C ALA A 329 0.35 7.66 25.26
N GLY A 330 0.95 6.64 24.64
CA GLY A 330 0.95 6.56 23.19
C GLY A 330 1.99 7.40 22.50
N ILE A 331 2.91 8.00 23.24
CA ILE A 331 4.01 8.72 22.63
C ILE A 331 5.03 7.71 22.12
N ARG A 332 5.61 7.97 20.97
CA ARG A 332 6.62 7.06 20.40
C ARG A 332 7.95 7.41 21.06
N VAL A 333 8.32 6.61 22.05
CA VAL A 333 9.43 6.95 22.94
C VAL A 333 10.49 5.87 22.84
N LYS A 334 11.74 6.29 23.00
CA LYS A 334 12.86 5.38 23.10
C LYS A 334 13.65 5.70 24.36
N LEU A 335 14.22 4.65 24.94
CA LEU A 335 15.10 4.78 26.09
C LEU A 335 16.50 4.41 25.60
N ASP A 336 17.39 5.39 25.55
CA ASP A 336 18.76 5.15 25.10
C ASP A 336 19.65 4.99 26.34
N ASP A 337 19.69 3.78 26.86
CA ASP A 337 20.49 3.45 28.04
C ASP A 337 21.80 2.77 27.66
N ARG A 338 22.26 2.96 26.43
CA ARG A 338 23.49 2.35 25.95
C ARG A 338 24.67 2.78 26.80
N ARG A 341 28.65 4.54 25.80
CA ARG A 341 28.58 5.71 24.94
C ARG A 341 28.32 6.98 25.76
N THR A 342 28.99 8.07 25.41
CA THR A 342 28.86 9.35 26.11
C THR A 342 27.53 10.04 25.77
N PRO A 343 27.04 10.91 26.66
CA PRO A 343 25.86 11.72 26.31
C PRO A 343 26.04 12.49 25.01
N GLY A 344 27.18 13.17 24.83
CA GLY A 344 27.38 13.94 23.60
C GLY A 344 27.25 13.11 22.34
N TRP A 345 27.79 11.89 22.35
CA TRP A 345 27.65 11.01 21.19
C TRP A 345 26.20 10.62 20.98
N LYS A 346 25.51 10.25 22.06
CA LYS A 346 24.08 9.92 21.97
C LYS A 346 23.28 11.10 21.46
N TYR A 347 23.56 12.30 21.98
CA TYR A 347 22.81 13.49 21.58
C TYR A 347 22.89 13.68 20.07
N ASN A 348 24.11 13.66 19.51
CA ASN A 348 24.26 13.81 18.07
CA ASN A 348 24.26 13.81 18.06
C ASN A 348 23.53 12.70 17.32
N TYR A 349 23.58 11.47 17.86
CA TYR A 349 22.98 10.31 17.19
C TYR A 349 21.50 10.56 16.88
N TRP A 350 20.74 10.99 17.89
CA TRP A 350 19.30 11.21 17.72
C TRP A 350 19.02 12.55 17.04
N GLU A 351 19.88 13.57 17.23
CA GLU A 351 19.69 14.82 16.50
C GLU A 351 19.81 14.62 14.99
N LEU A 352 20.81 13.85 14.57
CA LEU A 352 20.97 13.57 13.14
C LEU A 352 19.73 12.89 12.58
N ARG A 353 19.14 11.99 13.36
CA ARG A 353 17.96 11.24 12.93
C ARG A 353 16.66 12.02 13.09
N GLY A 354 16.69 13.19 13.72
CA GLY A 354 15.55 14.10 13.68
C GLY A 354 14.60 14.05 14.86
N VAL A 355 14.94 13.33 15.93
CA VAL A 355 14.02 13.18 17.06
C VAL A 355 13.67 14.55 17.63
N PRO A 356 12.39 14.89 17.76
CA PRO A 356 12.00 16.26 18.15
C PRO A 356 12.34 16.63 19.58
N LEU A 357 12.33 15.69 20.51
CA LEU A 357 12.53 16.04 21.90
C LEU A 357 13.40 15.03 22.61
N ARG A 358 14.38 15.53 23.35
CA ARG A 358 15.25 14.71 24.17
C ARG A 358 15.01 15.06 25.63
N ILE A 359 14.94 14.04 26.48
CA ILE A 359 14.86 14.20 27.92
C ILE A 359 16.14 13.64 28.51
N GLU A 360 16.87 14.47 29.25
CA GLU A 360 18.09 14.06 29.92
C GLU A 360 17.81 13.95 31.41
N VAL A 361 18.14 12.80 31.98
CA VAL A 361 17.91 12.51 33.40
C VAL A 361 19.28 12.29 34.02
N GLY A 362 19.78 13.31 34.73
CA GLY A 362 21.06 13.23 35.42
C GLY A 362 20.90 13.34 36.92
N PRO A 363 21.91 12.88 37.67
CA PRO A 363 21.80 12.90 39.15
C PRO A 363 21.55 14.28 39.70
N LYS A 364 22.23 15.29 39.17
CA LYS A 364 22.02 16.66 39.66
C LYS A 364 20.57 17.08 39.47
N ASP A 365 19.94 16.65 38.37
CA ASP A 365 18.55 17.00 38.10
C ASP A 365 17.59 16.33 39.08
N LEU A 366 17.83 15.06 39.41
CA LEU A 366 16.96 14.38 40.36
C LEU A 366 17.00 15.03 41.74
N GLU A 367 18.18 15.52 42.14
CA GLU A 367 18.29 16.21 43.43
C GLU A 367 17.35 17.40 43.49
N LYS A 368 17.23 18.14 42.39
CA LYS A 368 16.28 19.24 42.27
C LYS A 368 14.90 18.78 41.80
N GLN A 369 14.65 17.47 41.76
CA GLN A 369 13.35 16.91 41.39
C GLN A 369 12.88 17.46 40.03
N GLN A 370 13.76 17.37 39.05
CA GLN A 370 13.45 17.88 37.72
C GLN A 370 14.16 17.04 36.68
N ILE A 371 13.82 17.31 35.42
CA ILE A 371 14.47 16.71 34.26
C ILE A 371 14.84 17.84 33.32
N MET A 372 15.74 17.53 32.39
CA MET A 372 16.21 18.48 31.40
C MET A 372 15.65 18.09 30.04
N LEU A 373 15.00 19.03 29.37
CA LEU A 373 14.45 18.82 28.03
C LEU A 373 15.25 19.61 27.01
N CYS A 374 15.38 19.05 25.79
CA CYS A 374 16.04 19.76 24.70
C CYS A 374 15.24 19.55 23.43
N ARG A 375 14.78 20.66 22.82
CA ARG A 375 13.94 20.57 21.62
C ARG A 375 14.82 20.72 20.39
N ARG A 376 14.58 19.85 19.40
CA ARG A 376 15.46 19.74 18.24
C ARG A 376 15.38 20.96 17.32
N ASP A 377 14.21 21.58 17.20
CA ASP A 377 14.06 22.62 16.17
C ASP A 377 14.87 23.87 16.52
N THR A 378 14.89 24.27 17.79
CA THR A 378 15.65 25.45 18.19
C THR A 378 16.88 25.12 19.01
N GLY A 379 16.99 23.91 19.54
CA GLY A 379 18.06 23.59 20.43
C GLY A 379 17.91 24.13 21.83
N GLU A 380 16.79 24.78 22.16
CA GLU A 380 16.64 25.31 23.51
C GLU A 380 16.64 24.18 24.54
N LYS A 381 17.29 24.42 25.67
CA LYS A 381 17.27 23.51 26.80
C LYS A 381 16.56 24.17 27.97
N TRP A 382 15.74 23.40 28.68
CA TRP A 382 15.05 23.92 29.85
C TRP A 382 14.67 22.76 30.74
N THR A 383 14.46 23.07 32.01
CA THR A 383 14.11 22.09 33.02
C THR A 383 12.60 22.02 33.22
N MET A 384 12.13 20.84 33.56
CA MET A 384 10.73 20.60 33.90
C MET A 384 10.70 19.89 35.25
N PRO A 385 9.94 20.38 36.22
CA PRO A 385 9.80 19.64 37.49
C PRO A 385 9.07 18.33 37.26
N LEU A 386 9.46 17.31 38.03
CA LEU A 386 8.80 16.01 37.90
C LEU A 386 7.31 16.12 38.17
N SER A 387 6.91 17.02 39.07
CA SER A 387 5.50 17.27 39.34
C SER A 387 4.74 17.78 38.12
N GLU A 388 5.42 18.39 37.16
CA GLU A 388 4.78 18.85 35.94
C GLU A 388 4.90 17.85 34.79
N PHE A 389 5.70 16.81 34.95
CA PHE A 389 5.90 15.82 33.89
C PHE A 389 4.71 14.88 33.82
N SER A 390 4.22 14.65 32.61
CA SER A 390 3.13 13.71 32.36
C SER A 390 3.06 13.49 30.86
N GLY A 391 2.34 12.44 30.47
CA GLY A 391 2.10 12.21 29.05
C GLY A 391 1.48 13.41 28.38
N ASP A 392 0.55 14.08 29.06
CA ASP A 392 -0.13 15.22 28.45
C ASP A 392 0.78 16.45 28.38
N SER A 393 1.63 16.67 29.39
CA SER A 393 2.50 17.83 29.34
C SER A 393 3.60 17.65 28.31
N ILE A 394 4.05 16.40 28.08
CA ILE A 394 5.01 16.14 27.01
C ILE A 394 4.33 16.30 25.65
N LYS A 395 3.08 15.85 25.54
CA LYS A 395 2.35 16.08 24.30
C LYS A 395 2.24 17.58 24.00
N ALA A 396 1.97 18.38 25.02
CA ALA A 396 1.89 19.83 24.82
C ALA A 396 3.23 20.38 24.32
N VAL A 397 4.34 19.85 24.83
CA VAL A 397 5.64 20.31 24.33
C VAL A 397 5.79 19.95 22.86
N LEU A 398 5.41 18.72 22.49
CA LEU A 398 5.51 18.31 21.09
C LEU A 398 4.63 19.18 20.19
N ASP A 399 3.43 19.53 20.66
CA ASP A 399 2.57 20.42 19.87
C ASP A 399 3.17 21.82 19.76
N LYS A 400 3.82 22.28 20.83
CA LYS A 400 4.50 23.58 20.75
C LYS A 400 5.61 23.55 19.71
N ILE A 401 6.39 22.47 19.67
CA ILE A 401 7.42 22.33 18.65
C ILE A 401 6.79 22.36 17.26
N HIS A 402 5.71 21.60 17.07
CA HIS A 402 5.03 21.59 15.77
C HIS A 402 4.64 23.00 15.35
N ASP A 403 3.98 23.74 16.26
CA ASP A 403 3.52 25.08 15.94
C ASP A 403 4.69 26.00 15.60
N SER A 404 5.78 25.91 16.36
CA SER A 404 6.96 26.73 16.11
C SER A 404 7.55 26.41 14.74
N MET A 405 7.70 25.13 14.42
CA MET A 405 8.26 24.75 13.13
C MET A 405 7.42 25.32 11.99
N LEU A 406 6.09 25.25 12.11
CA LEU A 406 5.23 25.76 11.06
C LEU A 406 5.29 27.28 11.01
N ASN A 407 5.24 27.92 12.18
CA ASN A 407 5.25 29.38 12.21
C ASN A 407 6.55 29.96 11.66
N LYS A 408 7.68 29.32 11.99
CA LYS A 408 8.97 29.78 11.46
C LYS A 408 9.01 29.69 9.94
N ALA A 409 8.59 28.55 9.39
CA ALA A 409 8.61 28.37 7.94
C ALA A 409 7.65 29.34 7.25
N ARG A 410 6.47 29.57 7.85
CA ARG A 410 5.51 30.48 7.22
C ARG A 410 6.01 31.92 7.23
N LYS A 411 6.64 32.34 8.33
CA LYS A 411 7.17 33.69 8.42
C LYS A 411 8.27 33.92 7.38
N GLU A 412 9.16 32.92 7.22
CA GLU A 412 10.17 33.02 6.18
C GLU A 412 9.55 33.04 4.79
N MET A 413 8.56 32.18 4.54
CA MET A 413 7.95 32.16 3.22
C MET A 413 7.31 33.50 2.90
N ASN A 414 6.53 34.05 3.83
CA ASN A 414 5.85 35.32 3.57
C ASN A 414 6.85 36.44 3.36
N GLU A 415 7.98 36.42 4.08
CA GLU A 415 8.98 37.45 3.86
C GLU A 415 9.65 37.31 2.50
N ARG A 416 9.61 36.12 1.89
CA ARG A 416 10.27 35.87 0.62
C ARG A 416 9.29 35.89 -0.55
N ILE A 417 8.09 36.44 -0.34
CA ILE A 417 7.13 36.71 -1.40
C ILE A 417 7.04 38.22 -1.55
N VAL A 418 7.42 38.73 -2.73
CA VAL A 418 7.55 40.15 -2.98
C VAL A 418 6.55 40.56 -4.06
N VAL A 419 5.80 41.63 -3.81
CA VAL A 419 4.96 42.20 -4.84
C VAL A 419 5.86 42.96 -5.81
N THR A 420 5.88 42.53 -7.07
CA THR A 420 6.75 43.17 -8.06
C THR A 420 5.88 43.70 -9.20
N ARG A 421 5.62 45.01 -9.16
CA ARG A 421 4.75 45.60 -10.16
C ARG A 421 5.43 45.79 -11.50
N THR A 422 6.77 45.85 -11.53
CA THR A 422 7.50 46.14 -12.75
C THR A 422 8.59 45.10 -12.98
N TRP A 423 9.08 45.07 -14.22
CA TRP A 423 10.12 44.10 -14.59
C TRP A 423 11.39 44.26 -13.76
N PRO A 424 11.94 45.47 -13.57
CA PRO A 424 13.17 45.56 -12.74
C PRO A 424 12.97 45.05 -11.33
N GLU A 425 11.83 45.33 -10.71
CA GLU A 425 11.54 44.76 -9.39
C GLU A 425 11.49 43.25 -9.45
N PHE A 426 10.88 42.70 -10.51
CA PHE A 426 10.71 41.26 -10.65
C PHE A 426 12.08 40.56 -10.73
N ILE A 427 12.95 41.05 -11.62
CA ILE A 427 14.26 40.43 -11.82
C ILE A 427 15.10 40.55 -10.55
N LYS A 428 15.06 41.70 -9.87
CA LYS A 428 15.83 41.85 -8.64
C LYS A 428 15.36 40.88 -7.57
N ALA A 429 14.05 40.83 -7.35
CA ALA A 429 13.51 39.92 -6.35
C ALA A 429 13.82 38.47 -6.70
N LEU A 430 13.72 38.12 -7.98
CA LEU A 430 13.97 36.74 -8.41
C LEU A 430 15.42 36.32 -8.13
N ASN A 431 16.38 37.19 -8.48
CA ASN A 431 17.79 36.87 -8.32
C ASN A 431 18.25 36.87 -6.87
N SER A 432 17.48 37.49 -5.97
CA SER A 432 17.80 37.41 -4.55
C SER A 432 17.01 36.32 -3.85
N GLY A 433 16.45 35.38 -4.61
CA GLY A 433 15.86 34.20 -4.01
C GLY A 433 14.45 34.36 -3.53
N ASN A 434 13.68 35.26 -4.12
CA ASN A 434 12.30 35.46 -3.73
C ASN A 434 11.36 34.88 -4.80
N MET A 435 10.14 34.58 -4.37
CA MET A 435 9.01 34.43 -5.26
C MET A 435 8.33 35.78 -5.47
N CYS A 436 7.63 35.91 -6.59
CA CYS A 436 7.10 37.21 -7.00
C CYS A 436 5.61 37.13 -7.30
N LEU A 437 4.86 38.13 -6.79
CA LEU A 437 3.49 38.37 -7.20
C LEU A 437 3.51 39.43 -8.30
N ILE A 438 3.06 39.07 -9.49
CA ILE A 438 3.11 40.01 -10.61
C ILE A 438 1.69 40.28 -11.09
N PRO A 439 1.44 41.46 -11.66
CA PRO A 439 0.18 41.67 -12.38
C PRO A 439 0.09 40.68 -13.52
N TRP A 440 -1.10 40.09 -13.70
CA TRP A 440 -1.21 38.97 -14.61
C TRP A 440 -2.48 39.06 -15.45
N HIS A 441 -2.34 38.77 -16.74
CA HIS A 441 -3.47 38.51 -17.63
C HIS A 441 -3.15 37.23 -18.38
N GLU A 442 -4.00 36.21 -18.20
CA GLU A 442 -3.67 34.86 -18.65
C GLU A 442 -3.36 34.83 -20.14
N SER A 443 -2.25 34.18 -20.49
CA SER A 443 -1.78 34.05 -21.87
C SER A 443 -0.60 33.09 -21.89
N LYS A 444 -0.66 32.05 -22.73
CA LYS A 444 0.50 31.16 -22.86
C LYS A 444 1.70 31.92 -23.39
N ALA A 445 1.47 32.82 -24.35
CA ALA A 445 2.55 33.63 -24.91
C ALA A 445 3.21 34.50 -23.84
N ALA A 446 2.41 35.08 -22.95
CA ALA A 446 2.98 35.92 -21.88
C ALA A 446 3.81 35.08 -20.93
N GLU A 447 3.34 33.88 -20.61
CA GLU A 447 4.08 33.02 -19.70
C GLU A 447 5.42 32.61 -20.30
N GLU A 448 5.45 32.30 -21.60
CA GLU A 448 6.69 31.91 -22.25
C GLU A 448 7.67 33.08 -22.31
N TYR A 449 7.16 34.29 -22.59
CA TYR A 449 7.98 35.49 -22.63
C TYR A 449 8.68 35.70 -21.29
N ILE A 450 7.91 35.61 -20.20
CA ILE A 450 8.45 35.83 -18.87
C ILE A 450 9.50 34.77 -18.54
N LYS A 451 9.20 33.51 -18.89
CA LYS A 451 10.15 32.42 -18.65
C LYS A 451 11.47 32.67 -19.37
N GLU A 452 11.41 33.03 -20.66
CA GLU A 452 12.62 33.27 -21.43
C GLU A 452 13.40 34.47 -20.92
N LYS A 453 12.73 35.61 -20.71
CA LYS A 453 13.45 36.81 -20.33
C LYS A 453 14.03 36.69 -18.92
N SER A 454 13.28 36.06 -18.01
CA SER A 454 13.80 35.89 -16.65
C SER A 454 15.02 34.97 -16.64
N LYS A 455 15.01 33.93 -17.47
CA LYS A 455 16.16 33.04 -17.56
C LYS A 455 17.39 33.80 -18.02
N LEU A 456 17.23 34.63 -19.05
CA LEU A 456 18.35 35.37 -19.61
C LEU A 456 18.99 36.30 -18.59
N GLU A 457 18.21 36.87 -17.68
CA GLU A 457 18.72 37.86 -16.73
C GLU A 457 18.98 37.25 -15.35
N SER A 458 19.03 35.93 -15.25
CA SER A 458 19.10 35.25 -13.97
C SER A 458 20.50 34.74 -13.65
N VAL A 459 20.70 34.49 -12.36
CA VAL A 459 21.87 33.77 -11.86
C VAL A 459 21.39 32.81 -10.78
N GLN A 460 22.01 31.63 -10.72
CA GLN A 460 21.66 30.62 -9.72
C GLN A 460 22.95 30.04 -9.14
N SER A 461 22.79 29.29 -8.04
CA SER A 461 23.94 28.67 -7.38
C SER A 461 24.59 27.60 -8.25
N GLN A 462 25.85 27.29 -7.96
CA GLN A 462 26.52 26.17 -8.63
C GLN A 462 25.80 24.85 -8.37
N SER A 463 25.36 24.63 -7.13
CA SER A 463 24.63 23.41 -6.78
C SER A 463 23.36 23.27 -7.62
N ASP A 464 22.57 24.35 -7.73
CA ASP A 464 21.36 24.30 -8.55
C ASP A 464 21.70 24.03 -10.02
N ALA A 465 22.74 24.69 -10.52
CA ALA A 465 23.14 24.44 -11.91
C ALA A 465 23.54 22.99 -12.12
N ASN A 466 24.29 22.41 -11.17
CA ASN A 466 24.71 21.01 -11.30
C ASN A 466 23.55 20.05 -11.17
N THR A 467 22.49 20.45 -10.48
CA THR A 467 21.30 19.65 -10.29
C THR A 467 20.37 19.69 -11.51
N GLY A 468 20.78 20.35 -12.58
CA GLY A 468 19.92 20.49 -13.75
C GLY A 468 18.79 21.48 -13.59
N LEU A 469 18.83 22.35 -12.60
CA LEU A 469 17.81 23.37 -12.40
C LEU A 469 18.14 24.61 -13.23
N THR A 470 17.16 25.50 -13.38
CA THR A 470 17.39 26.74 -14.11
CA THR A 470 17.34 26.73 -14.13
C THR A 470 16.92 27.93 -13.29
N GLY A 471 17.49 29.09 -13.62
CA GLY A 471 17.11 30.35 -13.04
C GLY A 471 15.85 30.96 -13.60
N ALA A 472 15.22 30.32 -14.60
CA ALA A 472 13.99 30.88 -15.15
C ALA A 472 12.88 30.93 -14.12
N ALA A 473 12.06 31.97 -14.20
CA ALA A 473 10.84 32.04 -13.42
C ALA A 473 9.73 31.38 -14.24
N LYS A 474 8.96 30.52 -13.61
CA LYS A 474 7.77 30.00 -14.26
C LYS A 474 6.56 30.37 -13.42
N SER A 475 5.38 30.27 -14.03
CA SER A 475 4.16 30.48 -13.27
C SER A 475 4.05 29.37 -12.23
N LEU A 476 3.78 29.77 -10.98
CA LEU A 476 3.57 28.82 -9.90
C LEU A 476 2.09 28.57 -9.67
N CYS A 477 1.32 29.64 -9.40
CA CYS A 477 -0.14 29.55 -9.34
C CYS A 477 -0.70 30.97 -9.32
N VAL A 478 -1.99 31.08 -9.63
CA VAL A 478 -2.77 32.28 -9.34
C VAL A 478 -3.40 32.07 -7.98
N PRO A 479 -2.96 32.74 -6.92
CA PRO A 479 -3.45 32.41 -5.58
C PRO A 479 -4.97 32.55 -5.49
N LEU A 480 -5.58 31.59 -4.77
CA LEU A 480 -7.03 31.62 -4.58
C LEU A 480 -7.46 32.86 -3.82
N ASP A 481 -6.71 33.24 -2.79
CA ASP A 481 -7.03 34.37 -1.93
C ASP A 481 -6.25 35.58 -2.44
N GLN A 482 -6.94 36.47 -3.15
CA GLN A 482 -6.34 37.68 -3.70
C GLN A 482 -6.53 38.90 -2.79
N SER A 483 -7.05 38.70 -1.57
CA SER A 483 -7.56 39.83 -0.79
C SER A 483 -6.45 40.72 -0.23
N SER A 484 -5.28 40.18 0.07
CA SER A 484 -4.21 41.02 0.64
C SER A 484 -3.38 41.72 -0.43
N PHE A 485 -3.64 41.49 -1.68
CA PHE A 485 -2.80 41.98 -2.75
C PHE A 485 -3.18 43.41 -3.12
N PRO A 486 -2.24 44.20 -3.66
CA PRO A 486 -2.54 45.61 -3.95
C PRO A 486 -3.46 45.79 -5.14
N SER A 487 -3.79 47.05 -5.42
CA SER A 487 -4.66 47.37 -6.55
C SER A 487 -3.93 47.13 -7.88
N LEU A 488 -4.69 46.64 -8.86
CA LEU A 488 -4.17 46.43 -10.20
C LEU A 488 -4.30 47.65 -11.09
N GLU A 489 -4.92 48.72 -10.59
CA GLU A 489 -5.19 49.91 -11.41
C GLU A 489 -3.90 50.47 -11.98
N GLY A 490 -3.89 50.72 -13.30
CA GLY A 490 -2.75 51.34 -13.94
C GLY A 490 -1.55 50.45 -14.16
N LEU A 491 -1.59 49.19 -13.73
CA LEU A 491 -0.44 48.32 -13.89
C LEU A 491 -0.39 47.77 -15.31
N GLU A 492 0.82 47.53 -15.80
CA GLU A 492 1.02 47.10 -17.18
C GLU A 492 1.32 45.62 -17.28
N ASN A 493 0.87 45.04 -18.38
CA ASN A 493 1.20 43.66 -18.72
C ASN A 493 2.72 43.50 -18.86
N PHE A 494 3.25 42.42 -18.28
CA PHE A 494 4.69 42.16 -18.41
C PHE A 494 5.09 41.83 -19.84
N TYR A 495 4.13 41.39 -20.67
CA TYR A 495 4.39 41.02 -22.06
C TYR A 495 3.99 42.17 -22.97
N PRO A 496 4.94 42.94 -23.52
CA PRO A 496 4.57 44.13 -24.31
C PRO A 496 3.67 43.87 -25.50
N GLU A 497 3.82 42.74 -26.20
CA GLU A 497 2.94 42.45 -27.33
C GLU A 497 1.47 42.39 -26.94
N GLU A 498 1.15 42.18 -25.66
CA GLU A 498 -0.22 42.14 -25.19
C GLU A 498 -0.50 43.25 -24.20
N ALA A 499 0.13 44.42 -24.40
CA ALA A 499 -0.09 45.57 -23.54
C ALA A 499 -1.57 45.93 -23.41
N HIS A 500 -2.36 45.68 -24.45
CA HIS A 500 -3.77 46.03 -24.38
C HIS A 500 -4.59 45.04 -23.56
N LYS A 501 -4.00 43.92 -23.12
CA LYS A 501 -4.66 42.98 -22.22
C LYS A 501 -4.29 43.37 -20.80
N LYS A 502 -5.19 44.07 -20.12
CA LYS A 502 -4.86 44.65 -18.83
C LYS A 502 -4.78 43.55 -17.76
N PRO A 503 -3.78 43.60 -16.89
CA PRO A 503 -3.74 42.67 -15.75
C PRO A 503 -5.07 42.66 -15.02
N ASN A 504 -5.56 41.46 -14.69
CA ASN A 504 -6.83 41.36 -13.99
C ASN A 504 -6.76 40.44 -12.78
N CYS A 505 -5.55 40.03 -12.37
CA CYS A 505 -5.33 39.31 -11.12
C CYS A 505 -3.83 39.34 -10.86
N TRP A 506 -3.42 38.81 -9.71
CA TRP A 506 -2.03 38.64 -9.36
C TRP A 506 -1.67 37.15 -9.49
N ALA A 507 -0.53 36.88 -10.10
CA ALA A 507 -0.01 35.51 -10.22
C ALA A 507 1.33 35.40 -9.50
N LEU A 508 1.53 34.24 -8.87
CA LEU A 508 2.78 33.90 -8.22
C LEU A 508 3.73 33.25 -9.22
N PHE A 509 4.87 33.88 -9.45
CA PHE A 509 5.92 33.37 -10.33
C PHE A 509 7.18 33.20 -9.51
N GLY A 510 8.03 32.26 -9.91
CA GLY A 510 9.31 32.10 -9.24
C GLY A 510 10.07 30.93 -9.83
N ARG A 511 11.29 30.76 -9.34
CA ARG A 511 12.06 29.58 -9.69
CA ARG A 511 12.05 29.58 -9.72
C ARG A 511 11.45 28.35 -9.03
N SER A 512 11.74 27.18 -9.61
CA SER A 512 11.11 25.97 -9.07
C SER A 512 11.99 24.75 -9.30
N TYR A 513 11.54 23.64 -8.73
CA TYR A 513 12.10 22.31 -9.01
C TYR A 513 11.42 21.76 -10.26
N GLU B 12 -30.08 -9.11 -10.33
CA GLU B 12 -28.93 -9.92 -10.71
C GLU B 12 -28.81 -11.17 -9.83
N GLY B 13 -28.42 -12.29 -10.44
CA GLY B 13 -28.22 -13.51 -9.69
C GLY B 13 -27.19 -14.40 -10.34
N ILE B 14 -26.83 -15.45 -9.60
CA ILE B 14 -25.91 -16.49 -10.08
C ILE B 14 -26.74 -17.49 -10.85
N ASP B 15 -26.54 -17.59 -12.17
CA ASP B 15 -27.31 -18.47 -13.04
CA ASP B 15 -27.36 -18.51 -12.95
C ASP B 15 -26.63 -19.81 -13.30
N VAL B 16 -25.47 -20.05 -12.72
CA VAL B 16 -24.76 -21.31 -12.85
C VAL B 16 -24.39 -21.78 -11.44
N LYS B 17 -24.65 -23.05 -11.14
CA LYS B 17 -24.39 -23.57 -9.81
C LYS B 17 -22.91 -23.93 -9.63
N LYS B 18 -22.46 -23.85 -8.37
CA LYS B 18 -21.08 -24.13 -8.02
C LYS B 18 -20.64 -25.54 -8.48
N GLN B 19 -21.53 -26.52 -8.35
CA GLN B 19 -21.26 -27.90 -8.75
C GLN B 19 -21.55 -28.17 -10.22
N GLU B 20 -22.12 -27.21 -10.95
CA GLU B 20 -22.43 -27.39 -12.36
C GLU B 20 -21.26 -27.03 -13.26
N ASN B 21 -20.61 -25.88 -12.99
CA ASN B 21 -19.51 -25.38 -13.82
C ASN B 21 -18.73 -24.43 -12.92
N PHE B 22 -17.66 -24.94 -12.32
CA PHE B 22 -17.01 -24.22 -11.22
C PHE B 22 -16.40 -22.91 -11.69
N SER B 23 -15.73 -22.92 -12.84
CA SER B 23 -15.07 -21.70 -13.29
C SER B 23 -16.09 -20.62 -13.67
N GLU B 24 -17.21 -21.03 -14.30
CA GLU B 24 -18.25 -20.05 -14.64
C GLU B 24 -18.97 -19.52 -13.40
N TRP B 25 -19.28 -20.39 -12.44
CA TRP B 25 -19.79 -19.95 -11.14
C TRP B 25 -18.85 -18.92 -10.53
N TYR B 26 -17.55 -19.21 -10.53
CA TYR B 26 -16.57 -18.32 -9.91
C TYR B 26 -16.58 -16.95 -10.57
N SER B 27 -16.58 -16.93 -11.90
CA SER B 27 -16.62 -15.67 -12.63
C SER B 27 -17.86 -14.86 -12.26
N GLN B 28 -19.04 -15.52 -12.23
CA GLN B 28 -20.27 -14.80 -11.92
C GLN B 28 -20.27 -14.27 -10.48
N VAL B 29 -19.77 -15.07 -9.54
CA VAL B 29 -19.81 -14.65 -8.14
C VAL B 29 -18.86 -13.48 -7.91
N ILE B 30 -17.65 -13.53 -8.49
CA ILE B 30 -16.73 -12.42 -8.20
C ILE B 30 -17.13 -11.15 -8.93
N THR B 31 -17.81 -11.25 -10.07
CA THR B 31 -18.16 -10.02 -10.76
C THR B 31 -19.50 -9.47 -10.28
N LYS B 32 -20.51 -10.33 -10.10
CA LYS B 32 -21.83 -9.85 -9.73
C LYS B 32 -21.88 -9.38 -8.29
N SER B 33 -21.00 -9.87 -7.43
CA SER B 33 -20.91 -9.33 -6.07
C SER B 33 -20.17 -8.00 -6.01
N GLU B 34 -19.72 -7.48 -7.17
CA GLU B 34 -18.92 -6.26 -7.23
C GLU B 34 -17.58 -6.42 -6.53
N PHE B 35 -17.02 -7.64 -6.52
CA PHE B 35 -15.67 -7.81 -5.98
C PHE B 35 -14.59 -7.46 -7.00
N LEU B 36 -14.75 -7.92 -8.23
CA LEU B 36 -13.64 -7.91 -9.17
C LEU B 36 -14.18 -7.62 -10.56
N ASP B 37 -13.36 -6.97 -11.36
CA ASP B 37 -13.68 -6.84 -12.78
C ASP B 37 -12.47 -7.28 -13.61
N TYR B 38 -12.76 -7.76 -14.82
CA TYR B 38 -11.77 -8.15 -15.80
C TYR B 38 -11.17 -6.92 -16.48
N TYR B 39 -10.05 -7.13 -17.16
CA TYR B 39 -9.21 -6.03 -17.66
C TYR B 39 -8.61 -6.45 -18.99
N ASP B 40 -8.18 -5.47 -19.80
CA ASP B 40 -7.70 -5.80 -21.14
C ASP B 40 -6.20 -6.11 -21.17
N VAL B 41 -5.59 -6.38 -20.03
CA VAL B 41 -4.26 -6.99 -19.97
C VAL B 41 -4.44 -8.34 -19.32
N SER B 42 -4.05 -9.39 -20.04
CA SER B 42 -4.30 -10.76 -19.61
C SER B 42 -3.69 -11.04 -18.24
N GLY B 43 -4.49 -11.68 -17.38
CA GLY B 43 -4.03 -12.08 -16.07
C GLY B 43 -4.00 -10.97 -15.04
N CYS B 44 -4.56 -9.81 -15.35
CA CYS B 44 -4.64 -8.69 -14.41
C CYS B 44 -6.11 -8.36 -14.16
N TYR B 45 -6.44 -7.99 -12.92
CA TYR B 45 -7.83 -7.82 -12.52
C TYR B 45 -7.99 -6.53 -11.71
N ILE B 46 -9.22 -6.06 -11.64
CA ILE B 46 -9.56 -4.85 -10.89
C ILE B 46 -10.17 -5.24 -9.56
N PHE B 47 -9.60 -4.74 -8.44
CA PHE B 47 -10.13 -5.00 -7.11
C PHE B 47 -11.05 -3.85 -6.72
N ARG B 48 -12.36 -4.09 -6.69
CA ARG B 48 -13.35 -3.07 -6.33
C ARG B 48 -13.40 -2.91 -4.80
N PRO B 49 -14.12 -1.87 -4.30
CA PRO B 49 -14.04 -1.54 -2.86
C PRO B 49 -14.31 -2.68 -1.89
N ASN B 50 -15.38 -3.45 -2.09
CA ASN B 50 -15.71 -4.51 -1.13
C ASN B 50 -14.64 -5.57 -1.09
N CYS B 51 -13.94 -5.74 -2.21
CA CYS B 51 -12.89 -6.73 -2.33
C CYS B 51 -11.59 -6.23 -1.69
N TRP B 52 -11.16 -5.02 -2.06
CA TRP B 52 -9.94 -4.47 -1.48
C TRP B 52 -10.06 -4.32 0.03
N PHE B 53 -11.28 -4.11 0.53
CA PHE B 53 -11.50 -4.07 1.98
C PHE B 53 -11.02 -5.34 2.66
N VAL B 54 -11.22 -6.51 2.03
CA VAL B 54 -10.75 -7.76 2.62
C VAL B 54 -9.23 -7.74 2.74
N TRP B 55 -8.54 -7.30 1.70
CA TRP B 55 -7.08 -7.29 1.76
C TRP B 55 -6.57 -6.25 2.75
N GLU B 56 -7.23 -5.08 2.84
CA GLU B 56 -6.86 -4.11 3.87
C GLU B 56 -7.08 -4.68 5.26
N SER B 57 -8.13 -5.48 5.45
CA SER B 57 -8.35 -6.13 6.74
C SER B 57 -7.23 -7.11 7.07
N VAL B 58 -6.80 -7.89 6.07
CA VAL B 58 -5.66 -8.76 6.29
C VAL B 58 -4.43 -7.94 6.64
N GLN B 59 -4.22 -6.84 5.91
CA GLN B 59 -3.04 -6.00 6.14
C GLN B 59 -3.01 -5.49 7.57
N LYS B 60 -4.16 -5.01 8.06
CA LYS B 60 -4.17 -4.38 9.37
C LYS B 60 -3.89 -5.39 10.48
N PHE B 61 -4.49 -6.58 10.37
CA PHE B 61 -4.22 -7.64 11.33
C PHE B 61 -2.75 -8.09 11.28
N PHE B 62 -2.26 -8.40 10.08
CA PHE B 62 -0.92 -8.97 9.96
C PHE B 62 0.14 -7.96 10.35
N ASP B 63 -0.04 -6.70 9.94
CA ASP B 63 0.91 -5.67 10.31
CA ASP B 63 0.90 -5.64 10.32
C ASP B 63 1.02 -5.52 11.82
N ALA B 64 -0.12 -5.53 12.53
CA ALA B 64 -0.09 -5.42 13.99
C ALA B 64 0.66 -6.60 14.63
N GLU B 65 0.51 -7.80 14.05
CA GLU B 65 1.18 -8.97 14.64
C GLU B 65 2.69 -8.96 14.41
N ILE B 66 3.15 -8.60 13.21
CA ILE B 66 4.59 -8.61 12.99
C ILE B 66 5.27 -7.45 13.71
N LYS B 67 4.55 -6.36 13.97
CA LYS B 67 5.15 -5.30 14.78
CA LYS B 67 5.12 -5.28 14.79
C LYS B 67 5.52 -5.80 16.17
N LYS B 68 4.70 -6.68 16.74
CA LYS B 68 5.01 -7.29 18.03
C LYS B 68 6.30 -8.08 17.97
N LEU B 69 6.70 -8.52 16.79
CA LEU B 69 7.93 -9.28 16.63
C LEU B 69 9.13 -8.39 16.29
N GLY B 70 8.93 -7.08 16.19
CA GLY B 70 10.04 -6.20 15.83
C GLY B 70 10.27 -6.02 14.35
N VAL B 71 9.37 -6.49 13.50
CA VAL B 71 9.51 -6.29 12.06
C VAL B 71 9.16 -4.84 11.74
N GLN B 72 9.88 -4.21 10.81
CA GLN B 72 9.58 -2.82 10.39
C GLN B 72 9.24 -2.74 8.90
N ASN B 73 8.30 -1.87 8.54
CA ASN B 73 7.93 -1.71 7.14
C ASN B 73 8.88 -0.79 6.39
N VAL B 74 9.12 -1.11 5.12
CA VAL B 74 10.01 -0.36 4.23
C VAL B 74 9.36 -0.30 2.85
N MET B 75 10.04 0.34 1.91
CA MET B 75 9.65 0.21 0.50
C MET B 75 10.89 0.26 -0.37
N PHE B 76 11.14 -0.84 -1.08
CA PHE B 76 12.21 -0.94 -2.06
C PHE B 76 11.64 -0.79 -3.46
N PRO B 77 12.48 -0.55 -4.47
CA PRO B 77 11.95 -0.24 -5.81
C PRO B 77 11.27 -1.41 -6.52
N LEU B 78 10.42 -1.02 -7.48
CA LEU B 78 9.77 -1.97 -8.39
C LEU B 78 10.77 -2.63 -9.34
N PHE B 79 11.84 -1.93 -9.70
CA PHE B 79 12.76 -2.36 -10.74
C PHE B 79 13.97 -3.07 -10.15
N VAL B 80 14.51 -4.03 -10.91
CA VAL B 80 15.73 -4.74 -10.53
C VAL B 80 16.61 -4.86 -11.77
N THR B 81 17.92 -4.75 -11.57
CA THR B 81 18.82 -4.86 -12.72
C THR B 81 19.05 -6.33 -13.06
N LYS B 82 19.43 -6.56 -14.32
CA LYS B 82 19.86 -7.90 -14.73
C LYS B 82 21.01 -8.39 -13.85
N ARG B 83 21.96 -7.51 -13.56
CA ARG B 83 23.13 -7.88 -12.77
C ARG B 83 22.73 -8.39 -11.38
N ALA B 84 21.84 -7.67 -10.69
CA ALA B 84 21.38 -8.12 -9.38
C ALA B 84 20.61 -9.42 -9.48
N LEU B 85 19.69 -9.47 -10.45
CA LEU B 85 18.82 -10.63 -10.62
C LEU B 85 19.63 -11.89 -10.81
N GLU B 86 20.74 -11.80 -11.55
CA GLU B 86 21.55 -12.96 -11.89
C GLU B 86 22.57 -13.31 -10.81
N THR B 87 22.47 -12.72 -9.63
CA THR B 87 23.48 -12.93 -8.59
C THR B 87 23.35 -14.31 -7.96
N GLU B 88 22.14 -14.73 -7.61
CA GLU B 88 21.99 -16.07 -7.01
C GLU B 88 21.53 -17.02 -8.12
N LYS B 89 22.33 -18.05 -8.37
CA LYS B 89 22.13 -18.91 -9.54
C LYS B 89 20.77 -19.60 -9.50
N ASP B 90 20.51 -20.38 -8.44
CA ASP B 90 19.25 -21.12 -8.36
C ASP B 90 18.05 -20.18 -8.44
N HIS B 91 18.13 -19.04 -7.74
CA HIS B 91 17.02 -18.09 -7.68
C HIS B 91 16.62 -17.61 -9.08
N VAL B 92 17.58 -17.10 -9.84
CA VAL B 92 17.29 -16.54 -11.16
C VAL B 92 16.86 -17.64 -12.14
N GLU B 93 17.41 -18.85 -12.02
CA GLU B 93 17.01 -19.93 -12.92
C GLU B 93 15.55 -20.30 -12.71
N GLY B 94 15.07 -20.24 -11.47
CA GLY B 94 13.69 -20.63 -11.21
C GLY B 94 12.66 -19.56 -11.56
N PHE B 95 13.10 -18.31 -11.75
CA PHE B 95 12.17 -17.22 -12.03
C PHE B 95 12.30 -16.61 -13.41
N SER B 96 13.45 -16.82 -14.09
CA SER B 96 13.75 -16.23 -15.40
C SER B 96 12.56 -16.18 -16.35
N PRO B 97 11.88 -17.30 -16.62
CA PRO B 97 10.78 -17.25 -17.63
C PRO B 97 9.62 -16.35 -17.25
N GLU B 98 9.46 -16.01 -15.98
CA GLU B 98 8.33 -15.20 -15.51
C GLU B 98 8.67 -13.72 -15.32
N VAL B 99 9.88 -13.29 -15.65
CA VAL B 99 10.31 -11.91 -15.39
C VAL B 99 9.92 -11.02 -16.57
N ALA B 100 9.23 -9.91 -16.27
CA ALA B 100 8.86 -8.91 -17.27
C ALA B 100 9.95 -7.84 -17.38
N TRP B 101 10.30 -7.47 -18.61
CA TRP B 101 11.41 -6.58 -18.88
C TRP B 101 10.94 -5.29 -19.51
N VAL B 102 11.35 -4.17 -18.92
CA VAL B 102 11.16 -2.85 -19.50
C VAL B 102 12.33 -2.58 -20.43
N THR B 103 12.03 -2.31 -21.71
CA THR B 103 13.06 -2.11 -22.71
C THR B 103 12.96 -0.80 -23.47
N LYS B 104 11.90 -0.01 -23.27
CA LYS B 104 11.72 1.23 -24.00
C LYS B 104 11.11 2.28 -23.09
N SER B 105 11.44 3.54 -23.37
CA SER B 105 10.78 4.70 -22.80
C SER B 105 10.41 5.61 -23.96
N GLY B 106 9.17 6.11 -23.96
CA GLY B 106 8.69 6.84 -25.11
C GLY B 106 8.80 5.96 -26.35
N ASN B 107 9.48 6.48 -27.38
CA ASN B 107 9.75 5.72 -28.59
C ASN B 107 11.17 5.17 -28.65
N SER B 108 11.94 5.33 -27.58
CA SER B 108 13.37 5.08 -27.57
C SER B 108 13.69 3.78 -26.83
N ASP B 109 14.50 2.93 -27.45
CA ASP B 109 15.01 1.76 -26.73
C ASP B 109 15.94 2.21 -25.61
N LEU B 110 15.80 1.61 -24.44
CA LEU B 110 16.73 1.84 -23.35
C LEU B 110 18.07 1.18 -23.63
N GLN B 111 19.16 1.86 -23.27
CA GLN B 111 20.48 1.24 -23.36
C GLN B 111 20.58 0.04 -22.43
N GLU B 112 19.92 0.09 -21.27
CA GLU B 112 19.97 -0.97 -20.29
C GLU B 112 18.55 -1.37 -19.92
N PRO B 113 18.07 -2.53 -20.37
CA PRO B 113 16.77 -3.02 -19.91
C PRO B 113 16.78 -3.33 -18.42
N ILE B 114 15.62 -3.14 -17.79
CA ILE B 114 15.46 -3.42 -16.37
C ILE B 114 14.18 -4.24 -16.19
N ALA B 115 14.16 -5.03 -15.13
CA ALA B 115 13.12 -6.01 -14.89
C ALA B 115 12.17 -5.54 -13.80
N LEU B 116 10.93 -6.02 -13.86
CA LEU B 116 9.97 -5.81 -12.79
C LEU B 116 10.13 -6.92 -11.75
N ARG B 117 10.06 -6.54 -10.48
CA ARG B 117 10.32 -7.46 -9.40
C ARG B 117 9.35 -8.65 -9.44
N PRO B 118 9.85 -9.88 -9.51
CA PRO B 118 9.00 -11.05 -9.28
C PRO B 118 8.93 -11.39 -7.80
N THR B 119 9.87 -10.82 -7.03
CA THR B 119 10.13 -11.01 -5.60
C THR B 119 11.39 -10.20 -5.34
N SER B 120 11.66 -9.80 -4.08
CA SER B 120 12.64 -8.73 -3.84
C SER B 120 13.95 -9.18 -3.19
N GLU B 121 14.24 -10.49 -3.10
CA GLU B 121 15.53 -10.92 -2.55
C GLU B 121 16.71 -10.18 -3.21
N THR B 122 16.76 -10.18 -4.55
CA THR B 122 17.91 -9.59 -5.23
C THR B 122 17.86 -8.06 -5.23
N ILE B 123 16.70 -7.48 -4.90
CA ILE B 123 16.55 -6.03 -4.77
C ILE B 123 17.04 -5.56 -3.40
N MET B 124 16.76 -6.34 -2.36
CA MET B 124 17.01 -5.91 -0.98
C MET B 124 18.37 -6.33 -0.45
N TYR B 125 18.89 -7.47 -0.87
CA TYR B 125 20.03 -8.04 -0.14
C TYR B 125 21.35 -7.31 -0.36
N PRO B 126 21.59 -6.59 -1.46
CA PRO B 126 22.77 -5.72 -1.47
C PRO B 126 22.75 -4.69 -0.35
N SER B 127 21.57 -4.16 -0.01
CA SER B 127 21.46 -3.23 1.13
C SER B 127 21.67 -3.95 2.47
N TYR B 128 21.12 -5.16 2.59
CA TYR B 128 21.38 -5.93 3.81
C TYR B 128 22.87 -6.11 4.04
N ALA B 129 23.63 -6.36 2.97
CA ALA B 129 25.08 -6.55 3.14
C ALA B 129 25.74 -5.27 3.63
N LYS B 130 25.17 -4.10 3.29
CA LYS B 130 25.72 -2.84 3.78
C LYS B 130 25.28 -2.55 5.21
N TRP B 131 24.00 -2.79 5.53
CA TRP B 131 23.46 -2.45 6.84
C TRP B 131 23.94 -3.39 7.95
N ILE B 132 24.36 -4.60 7.61
CA ILE B 132 24.78 -5.58 8.61
C ILE B 132 26.31 -5.60 8.64
N GLN B 133 26.88 -5.27 9.80
CA GLN B 133 28.34 -5.29 9.94
C GLN B 133 28.78 -6.08 11.16
N SER B 134 27.96 -6.10 12.20
CA SER B 134 28.29 -6.78 13.45
C SER B 134 27.05 -7.50 13.96
N HIS B 135 27.26 -8.45 14.87
CA HIS B 135 26.13 -9.15 15.46
C HIS B 135 25.18 -8.19 16.17
N ARG B 136 25.66 -6.98 16.52
CA ARG B 136 24.79 -5.97 17.12
C ARG B 136 23.75 -5.45 16.15
N ASP B 137 23.97 -5.59 14.85
CA ASP B 137 23.01 -5.22 13.82
C ASP B 137 21.95 -6.30 13.60
N LEU B 138 21.99 -7.39 14.36
CA LEU B 138 21.10 -8.51 14.12
C LEU B 138 20.24 -8.77 15.35
N PRO B 139 18.99 -9.23 15.16
CA PRO B 139 18.35 -9.50 13.86
C PRO B 139 17.89 -8.27 13.09
N LEU B 140 17.88 -8.39 11.77
CA LEU B 140 17.29 -7.35 10.91
C LEU B 140 16.04 -7.93 10.29
N LYS B 141 14.89 -7.28 10.53
CA LYS B 141 13.59 -7.83 10.13
C LYS B 141 12.78 -6.75 9.43
N LEU B 142 12.62 -6.89 8.12
CA LEU B 142 11.95 -5.87 7.32
C LEU B 142 10.82 -6.51 6.55
N ASN B 143 9.80 -5.70 6.25
CA ASN B 143 8.59 -6.13 5.54
C ASN B 143 8.16 -5.04 4.58
N GLN B 144 7.55 -5.43 3.45
CA GLN B 144 6.92 -4.44 2.60
C GLN B 144 5.64 -4.97 1.98
N TRP B 145 4.64 -4.07 1.87
CA TRP B 145 3.36 -4.33 1.19
C TRP B 145 3.47 -3.76 -0.21
N THR B 146 3.55 -4.64 -1.22
CA THR B 146 3.84 -4.17 -2.57
C THR B 146 3.09 -5.00 -3.60
N ASN B 147 3.17 -4.56 -4.85
CA ASN B 147 2.74 -5.35 -5.99
C ASN B 147 3.95 -6.06 -6.60
N VAL B 148 3.67 -7.22 -7.21
N VAL B 148 3.67 -7.22 -7.21
N VAL B 148 3.70 -7.25 -7.16
CA VAL B 148 4.68 -8.11 -7.75
CA VAL B 148 4.68 -8.11 -7.75
CA VAL B 148 4.74 -8.01 -7.81
C VAL B 148 4.19 -8.62 -9.11
C VAL B 148 4.18 -8.64 -9.10
C VAL B 148 4.21 -8.55 -9.12
N VAL B 149 5.12 -8.85 -10.03
CA VAL B 149 4.80 -9.27 -11.40
C VAL B 149 5.47 -10.61 -11.69
N ARG B 150 4.67 -11.62 -12.05
CA ARG B 150 5.19 -12.88 -12.54
C ARG B 150 4.41 -13.21 -13.80
N TRP B 151 5.11 -13.23 -14.94
CA TRP B 151 4.43 -13.45 -16.22
C TRP B 151 4.11 -14.94 -16.35
N GLU B 152 3.10 -15.35 -15.58
CA GLU B 152 2.75 -16.75 -15.43
C GLU B 152 2.53 -17.42 -16.78
N PHE B 153 3.12 -18.62 -16.92
CA PHE B 153 2.84 -19.42 -18.12
C PHE B 153 1.48 -20.10 -18.01
N LYS B 154 1.15 -20.60 -16.82
CA LYS B 154 -0.15 -21.23 -16.62
C LYS B 154 -1.29 -20.24 -16.84
N HIS B 155 -2.45 -20.77 -17.20
CA HIS B 155 -3.67 -19.98 -17.34
C HIS B 155 -3.94 -19.18 -16.07
N ALA B 156 -4.23 -17.90 -16.24
CA ALA B 156 -4.47 -17.07 -15.05
C ALA B 156 -5.79 -17.44 -14.39
N VAL B 157 -5.85 -17.25 -13.07
CA VAL B 157 -7.04 -17.50 -12.28
C VAL B 157 -7.25 -16.29 -11.39
N PRO B 158 -8.41 -15.64 -11.44
CA PRO B 158 -8.62 -14.45 -10.59
C PRO B 158 -8.25 -14.75 -9.14
N PHE B 159 -7.48 -13.84 -8.54
CA PHE B 159 -6.93 -13.94 -7.19
C PHE B 159 -5.90 -15.06 -7.01
N ILE B 160 -6.26 -16.29 -7.38
CA ILE B 160 -5.38 -17.45 -7.14
C ILE B 160 -4.08 -17.29 -7.91
N ARG B 161 -4.17 -16.92 -9.20
CA ARG B 161 -2.96 -16.89 -10.03
C ARG B 161 -3.10 -15.73 -11.02
N SER B 162 -2.68 -14.54 -10.59
CA SER B 162 -2.70 -13.37 -11.46
C SER B 162 -1.27 -12.97 -11.81
N ARG B 163 -1.12 -12.29 -12.95
CA ARG B 163 0.21 -11.91 -13.40
CA ARG B 163 0.21 -11.89 -13.41
C ARG B 163 0.76 -10.70 -12.65
N GLU B 164 -0.12 -9.82 -12.17
CA GLU B 164 0.23 -8.86 -11.12
C GLU B 164 -0.57 -9.27 -9.89
N PHE B 165 0.11 -9.37 -8.75
CA PHE B 165 -0.60 -9.59 -7.50
C PHE B 165 0.01 -8.73 -6.41
N TYR B 166 -0.69 -8.68 -5.29
CA TYR B 166 -0.33 -7.84 -4.16
C TYR B 166 -0.06 -8.74 -2.97
N TRP B 167 0.97 -8.41 -2.20
CA TRP B 167 1.38 -9.26 -1.10
C TRP B 167 2.07 -8.41 -0.03
N GLN B 168 2.43 -9.07 1.06
CA GLN B 168 3.56 -8.64 1.87
C GLN B 168 4.69 -9.65 1.67
N GLU B 169 5.91 -9.15 1.69
CA GLU B 169 7.09 -10.01 1.73
C GLU B 169 7.96 -9.55 2.89
N GLY B 170 8.26 -10.47 3.81
CA GLY B 170 9.14 -10.20 4.94
C GLY B 170 10.50 -10.81 4.66
N HIS B 171 11.56 -10.10 5.09
CA HIS B 171 12.94 -10.53 4.86
C HIS B 171 13.72 -10.31 6.15
N SER B 172 14.16 -11.40 6.78
CA SER B 172 14.85 -11.31 8.06
C SER B 172 16.22 -11.97 7.98
N ALA B 173 17.16 -11.42 8.75
CA ALA B 173 18.51 -11.94 8.87
C ALA B 173 18.83 -12.12 10.35
N PHE B 174 19.50 -13.22 10.67
CA PHE B 174 19.80 -13.61 12.05
C PHE B 174 21.26 -14.05 12.16
N LYS B 175 21.76 -14.06 13.40
CA LYS B 175 23.11 -14.52 13.64
C LYS B 175 23.23 -16.05 13.70
N SER B 176 22.13 -16.77 13.87
CA SER B 176 22.20 -18.22 14.05
C SER B 176 21.01 -18.89 13.36
N LYS B 177 21.21 -20.16 13.02
CA LYS B 177 20.13 -20.93 12.39
C LYS B 177 18.96 -21.10 13.36
N GLU B 178 19.26 -21.30 14.65
CA GLU B 178 18.20 -21.51 15.62
C GLU B 178 17.23 -20.33 15.63
N GLU B 179 17.75 -19.11 15.67
CA GLU B 179 16.87 -17.94 15.63
C GLU B 179 16.08 -17.88 14.34
N ALA B 180 16.72 -18.20 13.22
CA ALA B 180 16.02 -18.16 11.95
C ALA B 180 14.90 -19.20 11.91
N ASP B 181 15.18 -20.43 12.36
CA ASP B 181 14.16 -21.49 12.36
C ASP B 181 12.95 -21.08 13.18
N GLU B 182 13.17 -20.52 14.37
CA GLU B 182 12.06 -20.07 15.20
C GLU B 182 11.17 -19.09 14.46
N GLU B 183 11.76 -18.14 13.73
CA GLU B 183 10.93 -17.17 13.02
C GLU B 183 10.10 -17.83 11.93
N VAL B 184 10.70 -18.77 11.18
CA VAL B 184 9.98 -19.42 10.08
C VAL B 184 8.62 -19.91 10.58
N PHE B 185 8.63 -20.61 11.71
CA PHE B 185 7.40 -21.23 12.20
C PHE B 185 6.52 -20.25 12.94
N THR B 186 7.09 -19.17 13.48
CA THR B 186 6.28 -18.09 14.05
C THR B 186 5.47 -17.40 12.97
N ILE B 187 6.10 -17.09 11.84
CA ILE B 187 5.36 -16.50 10.73
C ILE B 187 4.32 -17.48 10.17
N LEU B 188 4.70 -18.76 10.05
CA LEU B 188 3.76 -19.75 9.53
C LEU B 188 2.51 -19.84 10.39
N GLU B 189 2.66 -19.78 11.72
CA GLU B 189 1.50 -19.70 12.61
C GLU B 189 0.67 -18.44 12.35
N LEU B 190 1.33 -17.30 12.04
CA LEU B 190 0.59 -16.09 11.71
C LEU B 190 -0.23 -16.25 10.44
N TYR B 191 0.32 -16.95 9.43
CA TYR B 191 -0.46 -17.23 8.23
C TYR B 191 -1.65 -18.13 8.55
N LYS B 192 -1.44 -19.14 9.40
CA LYS B 192 -2.57 -19.96 9.85
C LYS B 192 -3.65 -19.10 10.51
N ARG B 193 -3.24 -18.14 11.33
CA ARG B 193 -4.22 -17.31 12.01
C ARG B 193 -4.96 -16.40 11.03
N VAL B 194 -4.26 -15.85 10.02
CA VAL B 194 -4.96 -15.06 9.01
C VAL B 194 -6.07 -15.90 8.37
N TYR B 195 -5.73 -17.11 7.92
CA TYR B 195 -6.73 -17.94 7.24
C TYR B 195 -7.86 -18.33 8.19
N GLU B 196 -7.54 -18.81 9.39
CA GLU B 196 -8.60 -19.35 10.26
C GLU B 196 -9.34 -18.25 11.01
N GLU B 197 -8.63 -17.26 11.55
CA GLU B 197 -9.28 -16.26 12.39
C GLU B 197 -9.88 -15.10 11.62
N LEU B 198 -9.35 -14.77 10.45
CA LEU B 198 -9.99 -13.77 9.61
C LEU B 198 -10.86 -14.39 8.52
N LEU B 199 -10.34 -15.40 7.81
CA LEU B 199 -11.01 -15.89 6.61
C LEU B 199 -11.86 -17.13 6.85
N ALA B 200 -11.81 -17.70 8.06
CA ALA B 200 -12.53 -18.93 8.39
C ALA B 200 -12.20 -20.08 7.44
N VAL B 201 -10.96 -20.14 6.98
CA VAL B 201 -10.45 -21.20 6.11
C VAL B 201 -9.48 -22.07 6.93
N PRO B 202 -9.69 -23.38 7.01
CA PRO B 202 -8.76 -24.24 7.74
C PRO B 202 -7.52 -24.51 6.91
N VAL B 203 -6.39 -24.71 7.60
CA VAL B 203 -5.11 -24.92 6.92
C VAL B 203 -4.45 -26.19 7.44
N ILE B 204 -3.51 -26.69 6.64
CA ILE B 204 -2.61 -27.75 7.05
C ILE B 204 -1.19 -27.23 6.88
N LYS B 205 -0.43 -27.23 7.97
CA LYS B 205 0.97 -26.79 7.94
C LYS B 205 1.85 -27.95 7.50
N GLY B 206 2.83 -27.66 6.67
CA GLY B 206 3.75 -28.70 6.27
C GLY B 206 4.98 -28.09 5.63
N THR B 207 5.91 -28.96 5.27
CA THR B 207 7.08 -28.55 4.53
CA THR B 207 7.10 -28.58 4.54
C THR B 207 6.95 -29.01 3.09
N LYS B 208 7.39 -28.16 2.16
CA LYS B 208 7.43 -28.57 0.75
C LYS B 208 8.54 -29.59 0.52
N THR B 209 8.32 -30.49 -0.44
CA THR B 209 9.38 -31.40 -0.86
C THR B 209 10.46 -30.64 -1.61
N GLU B 210 11.58 -31.31 -1.84
CA GLU B 210 12.72 -30.66 -2.45
C GLU B 210 12.34 -30.07 -3.80
N ASN B 211 11.53 -30.80 -4.57
CA ASN B 211 11.20 -30.35 -5.90
C ASN B 211 10.30 -29.12 -5.89
N GLU B 212 9.58 -28.87 -4.80
CA GLU B 212 8.59 -27.81 -4.76
C GLU B 212 9.03 -26.59 -3.97
N LYS B 213 10.17 -26.67 -3.30
CA LYS B 213 10.59 -25.59 -2.40
C LYS B 213 11.08 -24.38 -3.20
N PHE B 214 11.15 -23.25 -2.51
CA PHE B 214 11.60 -22.00 -3.13
C PHE B 214 13.02 -22.14 -3.66
N ALA B 215 13.26 -21.59 -4.85
CA ALA B 215 14.59 -21.59 -5.44
C ALA B 215 15.57 -20.79 -4.58
N GLY B 216 16.62 -21.45 -4.10
CA GLY B 216 17.58 -20.84 -3.21
C GLY B 216 17.28 -21.03 -1.74
N ALA B 217 16.14 -21.63 -1.39
CA ALA B 217 15.82 -21.89 0.00
C ALA B 217 16.46 -23.18 0.50
N ASP B 218 16.77 -23.21 1.80
CA ASP B 218 17.12 -24.48 2.44
CA ASP B 218 17.13 -24.49 2.41
C ASP B 218 15.88 -25.35 2.61
N TYR B 219 14.79 -24.76 3.13
CA TYR B 219 13.50 -25.45 3.17
C TYR B 219 12.38 -24.42 3.11
N THR B 220 11.22 -24.87 2.62
CA THR B 220 10.03 -24.04 2.49
C THR B 220 8.92 -24.68 3.32
N THR B 221 8.26 -23.88 4.16
CA THR B 221 7.05 -24.31 4.87
C THR B 221 5.85 -23.62 4.25
N THR B 222 4.67 -24.23 4.41
CA THR B 222 3.49 -23.77 3.71
C THR B 222 2.25 -23.99 4.58
N VAL B 223 1.22 -23.16 4.37
CA VAL B 223 -0.13 -23.46 4.84
C VAL B 223 -0.93 -23.90 3.62
N GLU B 224 -1.33 -25.17 3.58
CA GLU B 224 -2.10 -25.69 2.47
C GLU B 224 -3.59 -25.54 2.78
N THR B 225 -4.37 -25.20 1.75
CA THR B 225 -5.81 -25.07 1.87
C THR B 225 -6.46 -25.97 0.84
N PHE B 226 -7.78 -26.19 0.99
CA PHE B 226 -8.50 -27.21 0.24
C PHE B 226 -9.75 -26.63 -0.39
N ILE B 227 -9.89 -26.84 -1.70
CA ILE B 227 -11.07 -26.44 -2.45
C ILE B 227 -11.93 -27.69 -2.63
N ALA B 228 -13.01 -27.79 -1.87
CA ALA B 228 -13.81 -29.01 -1.85
C ALA B 228 -14.50 -29.27 -3.19
N THR B 229 -14.87 -28.23 -3.95
CA THR B 229 -15.71 -28.44 -5.12
C THR B 229 -15.02 -29.28 -6.18
N ASN B 230 -13.75 -28.97 -6.51
CA ASN B 230 -13.02 -29.80 -7.46
C ASN B 230 -11.88 -30.59 -6.82
N GLY B 231 -11.84 -30.67 -5.50
CA GLY B 231 -10.87 -31.51 -4.81
C GLY B 231 -9.42 -31.13 -5.05
N ARG B 232 -9.12 -29.83 -5.04
CA ARG B 232 -7.80 -29.32 -5.36
C ARG B 232 -7.25 -28.57 -4.15
N ALA B 233 -5.94 -28.70 -3.93
CA ALA B 233 -5.28 -27.92 -2.91
C ALA B 233 -4.80 -26.59 -3.48
N VAL B 234 -4.66 -25.60 -2.60
CA VAL B 234 -4.09 -24.29 -2.94
C VAL B 234 -3.01 -23.97 -1.90
N GLN B 235 -1.79 -23.74 -2.37
CA GLN B 235 -0.71 -23.27 -1.49
C GLN B 235 -1.06 -21.86 -1.03
N GLY B 236 -1.38 -21.70 0.26
CA GLY B 236 -1.98 -20.47 0.74
C GLY B 236 -1.03 -19.38 1.21
N GLY B 237 0.27 -19.65 1.30
CA GLY B 237 1.22 -18.69 1.85
C GLY B 237 2.47 -19.46 2.24
N THR B 238 3.66 -18.85 2.17
CA THR B 238 4.87 -19.63 2.38
C THR B 238 5.86 -18.89 3.25
N SER B 239 6.63 -19.67 4.02
CA SER B 239 7.63 -19.14 4.93
C SER B 239 8.92 -19.95 4.70
N HIS B 240 9.93 -19.29 4.14
CA HIS B 240 11.16 -19.97 3.72
C HIS B 240 12.29 -19.71 4.68
N HIS B 241 13.09 -20.75 4.92
CA HIS B 241 14.42 -20.58 5.51
C HIS B 241 15.42 -20.61 4.36
N LEU B 242 16.13 -19.51 4.18
CA LEU B 242 17.10 -19.41 3.09
C LEU B 242 18.49 -19.85 3.53
N GLY B 243 18.67 -20.17 4.80
CA GLY B 243 20.00 -20.55 5.28
C GLY B 243 20.99 -19.43 5.00
N GLN B 244 22.17 -19.81 4.51
CA GLN B 244 23.19 -18.85 4.10
C GLN B 244 23.35 -18.79 2.59
N ASN B 245 22.35 -19.30 1.85
CA ASN B 245 22.46 -19.36 0.39
C ASN B 245 22.55 -17.97 -0.22
N PHE B 246 21.71 -17.05 0.25
CA PHE B 246 21.71 -15.70 -0.28
C PHE B 246 22.79 -14.84 0.34
N SER B 247 23.08 -15.04 1.64
CA SER B 247 24.11 -14.23 2.29
C SER B 247 25.50 -14.55 1.76
N LYS B 248 25.73 -15.79 1.30
CA LYS B 248 27.01 -16.08 0.68
C LYS B 248 27.12 -15.39 -0.67
N MET B 249 26.02 -15.31 -1.43
CA MET B 249 26.14 -14.69 -2.75
C MET B 249 26.15 -13.16 -2.67
N PHE B 250 25.44 -12.57 -1.73
CA PHE B 250 25.41 -11.12 -1.57
C PHE B 250 26.41 -10.61 -0.52
N LYS B 251 27.22 -11.51 0.06
CA LYS B 251 28.23 -11.17 1.07
C LYS B 251 27.60 -10.44 2.26
N ILE B 252 26.52 -11.01 2.79
CA ILE B 252 25.92 -10.51 4.02
C ILE B 252 26.68 -11.18 5.18
N GLN B 253 27.66 -10.49 5.72
CA GLN B 253 28.57 -11.02 6.73
C GLN B 253 28.55 -10.11 7.95
N PHE B 254 28.95 -10.69 9.07
CA PHE B 254 29.01 -9.92 10.31
C PHE B 254 30.12 -10.47 11.17
N GLU B 255 30.74 -9.57 11.94
CA GLU B 255 31.67 -9.94 12.99
C GLU B 255 30.88 -10.46 14.18
N ALA B 256 31.07 -11.72 14.53
CA ALA B 256 30.26 -12.34 15.56
C ALA B 256 30.81 -11.97 16.93
N GLU B 257 30.19 -12.51 17.99
CA GLU B 257 30.66 -12.22 19.33
C GLU B 257 32.07 -12.78 19.56
N ASN B 258 32.34 -13.96 19.03
CA ASN B 258 33.66 -14.58 19.13
C ASN B 258 34.69 -13.97 18.19
N LYS B 259 34.42 -12.80 17.60
CA LYS B 259 35.31 -12.05 16.70
C LYS B 259 35.49 -12.70 15.32
N GLU B 260 34.79 -13.80 15.02
CA GLU B 260 34.85 -14.40 13.69
C GLU B 260 33.93 -13.68 12.71
N THR B 261 34.26 -13.80 11.43
CA THR B 261 33.38 -13.34 10.36
C THR B 261 32.48 -14.48 9.92
N GLN B 262 31.17 -14.24 9.91
CA GLN B 262 30.20 -15.28 9.58
C GLN B 262 29.16 -14.73 8.62
N PHE B 263 28.58 -15.63 7.83
CA PHE B 263 27.45 -15.27 6.98
C PHE B 263 26.16 -15.28 7.79
N ALA B 264 25.27 -14.33 7.49
CA ALA B 264 23.98 -14.27 8.17
C ALA B 264 23.06 -15.42 7.72
N TYR B 265 22.18 -15.83 8.63
CA TYR B 265 21.10 -16.76 8.30
C TYR B 265 19.86 -15.95 7.98
N GLN B 266 19.18 -16.30 6.88
CA GLN B 266 18.07 -15.49 6.41
C GLN B 266 16.80 -16.32 6.19
N ASN B 267 15.67 -15.64 6.34
CA ASN B 267 14.35 -16.14 5.96
C ASN B 267 13.70 -15.14 5.01
N SER B 268 12.75 -15.61 4.22
CA SER B 268 11.79 -14.73 3.59
C SER B 268 10.42 -15.39 3.61
N TRP B 269 9.37 -14.58 3.64
CA TRP B 269 8.03 -15.15 3.79
C TRP B 269 7.02 -14.21 3.15
N GLY B 270 6.04 -14.79 2.47
CA GLY B 270 5.06 -14.01 1.71
C GLY B 270 3.64 -14.54 1.71
N LEU B 271 2.69 -13.61 1.80
CA LEU B 271 1.26 -13.90 1.76
C LEU B 271 0.62 -12.90 0.79
N SER B 272 -0.24 -13.38 -0.11
CA SER B 272 -0.74 -12.54 -1.21
C SER B 272 -2.26 -12.49 -1.25
N THR B 273 -2.78 -11.74 -2.23
CA THR B 273 -4.21 -11.69 -2.51
C THR B 273 -4.77 -13.03 -3.01
N ARG B 274 -3.94 -14.06 -3.16
CA ARG B 274 -4.47 -15.40 -3.34
C ARG B 274 -5.45 -15.77 -2.22
N THR B 275 -5.20 -15.26 -1.01
CA THR B 275 -6.09 -15.43 0.14
C THR B 275 -7.55 -15.19 -0.21
N LEU B 276 -7.81 -14.11 -0.96
CA LEU B 276 -9.20 -13.78 -1.30
C LEU B 276 -9.83 -14.87 -2.15
N GLY B 277 -9.08 -15.39 -3.13
CA GLY B 277 -9.63 -16.44 -3.96
C GLY B 277 -9.97 -17.68 -3.18
N VAL B 278 -9.09 -18.07 -2.26
CA VAL B 278 -9.35 -19.23 -1.40
C VAL B 278 -10.60 -18.99 -0.56
N MET B 279 -10.70 -17.80 0.04
CA MET B 279 -11.88 -17.45 0.83
C MET B 279 -13.17 -17.64 0.03
N ILE B 280 -13.18 -17.18 -1.23
CA ILE B 280 -14.38 -17.22 -2.05
C ILE B 280 -14.70 -18.65 -2.50
N MET B 281 -13.69 -19.36 -2.99
CA MET B 281 -13.89 -20.72 -3.47
C MET B 281 -14.34 -21.64 -2.36
N VAL B 282 -13.87 -21.41 -1.13
CA VAL B 282 -14.28 -22.25 -0.01
C VAL B 282 -15.71 -21.90 0.44
N HIS B 283 -16.00 -20.61 0.66
CA HIS B 283 -17.25 -20.20 1.32
C HIS B 283 -18.38 -19.82 0.38
N GLY B 284 -18.10 -19.40 -0.85
CA GLY B 284 -19.18 -18.98 -1.74
C GLY B 284 -20.18 -20.09 -2.01
N ASP B 285 -21.43 -19.70 -2.30
CA ASP B 285 -22.48 -20.69 -2.59
C ASP B 285 -23.32 -20.27 -3.81
N ASP B 286 -24.47 -20.91 -4.00
CA ASP B 286 -25.25 -20.69 -5.21
C ASP B 286 -26.01 -19.36 -5.19
N LYS B 287 -26.09 -18.69 -4.05
CA LYS B 287 -26.64 -17.34 -3.97
C LYS B 287 -25.56 -16.26 -4.09
N GLY B 288 -24.27 -16.63 -4.07
CA GLY B 288 -23.21 -15.66 -4.27
C GLY B 288 -22.15 -15.66 -3.18
N MET B 289 -21.61 -14.49 -2.87
CA MET B 289 -20.58 -14.38 -1.85
C MET B 289 -21.13 -14.73 -0.48
N VAL B 290 -20.25 -15.31 0.34
CA VAL B 290 -20.50 -15.53 1.76
C VAL B 290 -19.26 -15.01 2.48
N LEU B 291 -19.38 -13.85 3.16
CA LEU B 291 -18.20 -13.19 3.71
C LEU B 291 -17.97 -13.60 5.15
N PRO B 292 -16.77 -14.04 5.53
CA PRO B 292 -16.46 -14.18 6.95
C PRO B 292 -16.62 -12.82 7.63
N PRO B 293 -17.31 -12.77 8.77
CA PRO B 293 -17.67 -11.46 9.35
C PRO B 293 -16.50 -10.53 9.60
N ARG B 294 -15.31 -11.05 9.87
CA ARG B 294 -14.22 -10.16 10.27
C ARG B 294 -13.56 -9.48 9.08
N VAL B 295 -13.87 -9.87 7.85
CA VAL B 295 -13.42 -9.16 6.66
C VAL B 295 -14.59 -8.64 5.82
N ALA B 296 -15.81 -8.69 6.35
CA ALA B 296 -16.98 -8.26 5.60
C ALA B 296 -17.06 -6.73 5.57
N PHE B 297 -17.09 -6.16 4.36
CA PHE B 297 -17.22 -4.71 4.21
C PHE B 297 -18.43 -4.19 4.97
N CYS B 298 -19.52 -4.96 4.97
CA CYS B 298 -20.68 -4.71 5.80
C CYS B 298 -20.99 -6.01 6.53
N GLN B 299 -21.02 -5.95 7.86
CA GLN B 299 -21.28 -7.13 8.66
C GLN B 299 -22.77 -7.38 8.88
N VAL B 300 -23.56 -6.31 8.98
CA VAL B 300 -24.98 -6.41 9.29
C VAL B 300 -25.71 -5.39 8.43
N VAL B 301 -26.78 -5.83 7.75
CA VAL B 301 -27.65 -4.92 7.02
C VAL B 301 -29.01 -4.89 7.71
N VAL B 302 -29.49 -3.68 8.01
CA VAL B 302 -30.76 -3.49 8.71
C VAL B 302 -31.80 -3.04 7.70
N ILE B 303 -32.90 -3.79 7.61
CA ILE B 303 -33.91 -3.55 6.57
C ILE B 303 -35.29 -3.36 7.18
N PRO B 304 -35.83 -2.15 7.15
CA PRO B 304 -37.21 -1.93 7.61
C PRO B 304 -38.22 -2.41 6.57
N LEU B 305 -39.22 -3.15 7.01
CA LEU B 305 -40.32 -3.60 6.15
C LEU B 305 -41.42 -2.55 6.23
N ILE B 306 -41.61 -1.81 5.14
CA ILE B 306 -42.53 -0.68 5.14
C ILE B 306 -43.65 -0.84 4.12
N ASN B 312 -45.80 4.55 9.97
CA ASN B 312 -44.51 3.84 10.05
C ASN B 312 -43.46 4.59 10.85
N ALA B 313 -43.82 5.77 11.36
CA ALA B 313 -42.86 6.62 12.07
C ALA B 313 -42.15 5.88 13.18
N THR B 314 -42.89 5.09 13.97
CA THR B 314 -42.30 4.36 15.08
C THR B 314 -41.27 3.34 14.57
N LEU B 315 -41.67 2.53 13.58
CA LEU B 315 -40.78 1.53 13.01
C LEU B 315 -39.49 2.16 12.47
N VAL B 316 -39.60 3.32 11.83
CA VAL B 316 -38.43 3.99 11.27
C VAL B 316 -37.46 4.40 12.38
N GLU B 317 -38.00 4.96 13.48
CA GLU B 317 -37.14 5.41 14.57
C GLU B 317 -36.46 4.23 15.25
N LYS B 318 -37.18 3.12 15.42
CA LYS B 318 -36.57 1.94 16.02
C LYS B 318 -35.51 1.35 15.10
N THR B 319 -35.76 1.38 13.79
CA THR B 319 -34.75 0.93 12.84
C THR B 319 -33.49 1.78 12.94
N LYS B 320 -33.65 3.11 13.01
CA LYS B 320 -32.50 4.00 13.12
C LYS B 320 -31.75 3.76 14.43
N GLU B 321 -32.49 3.48 15.51
CA GLU B 321 -31.86 3.20 16.80
C GLU B 321 -31.03 1.92 16.75
N ILE B 322 -31.53 0.87 16.09
CA ILE B 322 -30.75 -0.35 15.94
C ILE B 322 -29.46 -0.05 15.19
N TYR B 323 -29.56 0.68 14.08
CA TYR B 323 -28.38 1.08 13.33
C TYR B 323 -27.40 1.84 14.22
N ASN B 324 -27.90 2.84 14.95
CA ASN B 324 -27.03 3.68 15.76
C ASN B 324 -26.31 2.87 16.84
N GLU B 325 -27.03 1.97 17.50
CA GLU B 325 -26.41 1.17 18.55
C GLU B 325 -25.32 0.27 17.99
N LEU B 326 -25.58 -0.38 16.85
CA LEU B 326 -24.57 -1.24 16.27
C LEU B 326 -23.38 -0.43 15.79
N GLU B 327 -23.62 0.74 15.18
CA GLU B 327 -22.52 1.58 14.73
C GLU B 327 -21.65 2.02 15.90
N LYS B 328 -22.28 2.43 17.02
CA LYS B 328 -21.51 2.85 18.18
C LYS B 328 -20.66 1.70 18.72
N ALA B 329 -21.13 0.47 18.59
CA ALA B 329 -20.36 -0.70 19.01
C ALA B 329 -19.24 -1.06 18.05
N GLY B 330 -19.05 -0.29 16.97
CA GLY B 330 -18.00 -0.58 16.02
C GLY B 330 -18.35 -1.63 14.98
N ILE B 331 -19.61 -2.04 14.90
CA ILE B 331 -20.06 -2.96 13.86
C ILE B 331 -20.23 -2.20 12.54
N ARG B 332 -19.83 -2.82 11.44
CA ARG B 332 -19.99 -2.20 10.14
C ARG B 332 -21.40 -2.49 9.64
N VAL B 333 -22.29 -1.52 9.80
CA VAL B 333 -23.72 -1.71 9.60
C VAL B 333 -24.21 -0.78 8.51
N LYS B 334 -25.23 -1.23 7.78
CA LYS B 334 -25.90 -0.41 6.79
C LYS B 334 -27.40 -0.44 7.07
N LEU B 335 -28.06 0.65 6.72
CA LEU B 335 -29.52 0.78 6.78
C LEU B 335 -30.02 0.87 5.36
N ASP B 336 -30.72 -0.17 4.89
CA ASP B 336 -31.25 -0.20 3.53
C ASP B 336 -32.74 0.19 3.59
N ASP B 337 -32.98 1.50 3.56
CA ASP B 337 -34.33 2.06 3.56
C ASP B 337 -34.76 2.53 2.19
N ARG B 338 -34.14 2.01 1.12
CA ARG B 338 -34.48 2.42 -0.23
C ARG B 338 -35.96 2.14 -0.53
N LEU B 339 -36.58 3.05 -1.27
CA LEU B 339 -38.02 3.11 -1.34
C LEU B 339 -38.61 2.23 -2.44
N GLU B 340 -38.12 2.36 -3.67
CA GLU B 340 -38.73 1.67 -4.80
C GLU B 340 -38.20 0.25 -4.99
N ARG B 341 -37.85 -0.45 -3.91
CA ARG B 341 -37.33 -1.81 -3.99
C ARG B 341 -38.08 -2.72 -3.02
N THR B 342 -38.43 -3.92 -3.49
CA THR B 342 -39.17 -4.84 -2.65
C THR B 342 -38.24 -5.43 -1.58
N PRO B 343 -38.79 -5.86 -0.44
CA PRO B 343 -37.95 -6.55 0.57
C PRO B 343 -37.18 -7.73 -0.01
N GLY B 344 -37.85 -8.61 -0.76
CA GLY B 344 -37.15 -9.74 -1.36
C GLY B 344 -36.00 -9.31 -2.24
N TRP B 345 -36.19 -8.23 -3.00
CA TRP B 345 -35.12 -7.71 -3.84
C TRP B 345 -33.94 -7.27 -3.00
N LYS B 346 -34.21 -6.55 -1.90
CA LYS B 346 -33.14 -6.15 -0.99
C LYS B 346 -32.43 -7.37 -0.41
N TYR B 347 -33.18 -8.40 -0.03
CA TYR B 347 -32.57 -9.60 0.53
C TYR B 347 -31.55 -10.19 -0.45
N ASN B 348 -31.95 -10.37 -1.70
CA ASN B 348 -31.05 -10.93 -2.71
CA ASN B 348 -31.04 -10.94 -2.70
C ASN B 348 -29.85 -10.02 -2.95
N TYR B 349 -30.08 -8.71 -2.95
CA TYR B 349 -29.03 -7.74 -3.20
C TYR B 349 -27.86 -7.92 -2.23
N TRP B 350 -28.16 -7.99 -0.93
CA TRP B 350 -27.09 -8.11 0.05
C TRP B 350 -26.57 -9.54 0.19
N GLU B 351 -27.43 -10.54 -0.06
CA GLU B 351 -26.95 -11.93 -0.06
C GLU B 351 -25.92 -12.15 -1.17
N LEU B 352 -26.19 -11.63 -2.36
CA LEU B 352 -25.25 -11.73 -3.48
C LEU B 352 -23.90 -11.10 -3.11
N ARG B 353 -23.93 -9.97 -2.41
CA ARG B 353 -22.69 -9.28 -2.04
C ARG B 353 -22.04 -9.87 -0.79
N GLY B 354 -22.69 -10.81 -0.11
CA GLY B 354 -22.04 -11.60 0.92
C GLY B 354 -22.24 -11.17 2.36
N VAL B 355 -23.11 -10.19 2.62
CA VAL B 355 -23.27 -9.68 3.98
C VAL B 355 -23.65 -10.82 4.93
N PRO B 356 -22.92 -11.02 6.03
CA PRO B 356 -23.16 -12.21 6.87
C PRO B 356 -24.46 -12.19 7.66
N LEU B 357 -24.98 -11.02 8.04
CA LEU B 357 -26.17 -11.00 8.89
C LEU B 357 -27.11 -9.91 8.42
N ARG B 358 -28.39 -10.26 8.31
CA ARG B 358 -29.46 -9.34 7.96
C ARG B 358 -30.42 -9.21 9.12
N ILE B 359 -30.84 -7.98 9.42
CA ILE B 359 -31.87 -7.73 10.42
C ILE B 359 -33.08 -7.15 9.69
N GLU B 360 -34.21 -7.82 9.84
CA GLU B 360 -35.48 -7.39 9.26
C GLU B 360 -36.36 -6.86 10.39
N VAL B 361 -36.86 -5.64 10.21
CA VAL B 361 -37.68 -4.98 11.22
C VAL B 361 -39.06 -4.79 10.60
N GLY B 362 -40.02 -5.63 11.00
CA GLY B 362 -41.37 -5.53 10.51
C GLY B 362 -42.36 -5.18 11.62
N PRO B 363 -43.52 -4.64 11.23
CA PRO B 363 -44.51 -4.23 12.25
C PRO B 363 -44.96 -5.36 13.16
N LYS B 364 -45.22 -6.55 12.61
CA LYS B 364 -45.66 -7.67 13.43
C LYS B 364 -44.59 -8.05 14.46
N ASP B 365 -43.32 -8.02 14.06
CA ASP B 365 -42.25 -8.37 14.99
C ASP B 365 -42.11 -7.33 16.09
N LEU B 366 -42.19 -6.05 15.74
CA LEU B 366 -42.03 -5.00 16.76
C LEU B 366 -43.17 -5.05 17.77
N GLU B 367 -44.39 -5.39 17.34
CA GLU B 367 -45.50 -5.52 18.27
C GLU B 367 -45.18 -6.55 19.35
N LYS B 368 -44.51 -7.64 18.97
CA LYS B 368 -44.03 -8.63 19.92
C LYS B 368 -42.67 -8.26 20.50
N GLN B 369 -42.20 -7.03 20.27
CA GLN B 369 -40.94 -6.51 20.80
C GLN B 369 -39.76 -7.40 20.43
N GLN B 370 -39.64 -7.70 19.13
CA GLN B 370 -38.56 -8.55 18.64
C GLN B 370 -38.19 -8.15 17.22
N ILE B 371 -37.08 -8.72 16.73
CA ILE B 371 -36.62 -8.52 15.37
C ILE B 371 -36.31 -9.88 14.76
N MET B 372 -36.21 -9.90 13.43
CA MET B 372 -35.90 -11.12 12.70
C MET B 372 -34.47 -11.04 12.19
N LEU B 373 -33.68 -12.07 12.49
CA LEU B 373 -32.30 -12.19 12.03
C LEU B 373 -32.21 -13.31 11.00
N CYS B 374 -31.33 -13.13 10.01
CA CYS B 374 -31.07 -14.16 9.02
C CYS B 374 -29.57 -14.21 8.76
N ARG B 375 -28.97 -15.38 8.94
CA ARG B 375 -27.54 -15.57 8.75
C ARG B 375 -27.26 -16.11 7.36
N ARG B 376 -26.27 -15.53 6.68
CA ARG B 376 -25.98 -15.79 5.28
C ARG B 376 -25.44 -17.21 5.04
N ASP B 377 -24.66 -17.73 5.97
CA ASP B 377 -23.92 -18.97 5.70
C ASP B 377 -24.86 -20.17 5.64
N THR B 378 -25.85 -20.26 6.54
CA THR B 378 -26.81 -21.36 6.48
C THR B 378 -28.19 -20.93 6.01
N GLY B 379 -28.49 -19.64 6.01
CA GLY B 379 -29.83 -19.16 5.70
C GLY B 379 -30.84 -19.28 6.82
N GLU B 380 -30.43 -19.71 8.01
CA GLU B 380 -31.39 -19.83 9.11
C GLU B 380 -31.97 -18.46 9.48
N LYS B 381 -33.26 -18.44 9.78
CA LYS B 381 -33.94 -17.25 10.28
C LYS B 381 -34.42 -17.51 11.71
N TRP B 382 -34.30 -16.50 12.56
CA TRP B 382 -34.76 -16.61 13.95
C TRP B 382 -34.99 -15.21 14.52
N THR B 383 -35.85 -15.14 15.54
CA THR B 383 -36.17 -13.86 16.15
C THR B 383 -35.34 -13.64 17.41
N MET B 384 -35.08 -12.36 17.70
CA MET B 384 -34.36 -11.95 18.90
C MET B 384 -35.22 -10.93 19.64
N PRO B 385 -35.48 -11.13 20.93
CA PRO B 385 -36.19 -10.12 21.69
C PRO B 385 -35.34 -8.87 21.82
N LEU B 386 -35.98 -7.71 21.73
CA LEU B 386 -35.27 -6.45 21.86
C LEU B 386 -34.56 -6.36 23.21
N SER B 387 -35.11 -7.01 24.24
CA SER B 387 -34.45 -7.09 25.53
C SER B 387 -33.10 -7.80 25.44
N GLU B 388 -32.88 -8.64 24.42
CA GLU B 388 -31.60 -9.30 24.22
C GLU B 388 -30.73 -8.63 23.16
N PHE B 389 -31.24 -7.65 22.43
CA PHE B 389 -30.47 -7.00 21.38
C PHE B 389 -29.45 -6.02 21.97
N SER B 390 -28.21 -6.11 21.50
CA SER B 390 -27.14 -5.21 21.90
C SER B 390 -25.97 -5.40 20.96
N GLY B 391 -25.01 -4.47 21.05
CA GLY B 391 -23.78 -4.62 20.31
C GLY B 391 -23.09 -5.93 20.60
N ASP B 392 -23.07 -6.35 21.87
CA ASP B 392 -22.38 -7.58 22.24
C ASP B 392 -23.09 -8.82 21.74
N SER B 393 -24.42 -8.83 21.80
CA SER B 393 -25.15 -10.00 21.35
C SER B 393 -25.12 -10.13 19.84
N ILE B 394 -25.09 -9.00 19.11
CA ILE B 394 -24.93 -9.09 17.67
C ILE B 394 -23.51 -9.54 17.32
N LYS B 395 -22.52 -9.05 18.06
CA LYS B 395 -21.15 -9.54 17.86
C LYS B 395 -21.06 -11.03 18.13
N ALA B 396 -21.77 -11.52 19.17
CA ALA B 396 -21.77 -12.95 19.45
C ALA B 396 -22.36 -13.74 18.29
N VAL B 397 -23.40 -13.22 17.64
CA VAL B 397 -23.96 -13.93 16.49
C VAL B 397 -22.94 -13.97 15.35
N LEU B 398 -22.24 -12.85 15.12
CA LEU B 398 -21.22 -12.79 14.07
C LEU B 398 -20.09 -13.77 14.35
N ASP B 399 -19.69 -13.92 15.62
CA ASP B 399 -18.65 -14.89 15.97
C ASP B 399 -19.15 -16.32 15.80
N LYS B 400 -20.43 -16.57 16.11
CA LYS B 400 -21.03 -17.87 15.86
C LYS B 400 -21.03 -18.20 14.37
N ILE B 401 -21.37 -17.22 13.53
CA ILE B 401 -21.29 -17.42 12.09
C ILE B 401 -19.87 -17.76 11.68
N HIS B 402 -18.89 -16.99 12.19
CA HIS B 402 -17.49 -17.26 11.86
C HIS B 402 -17.10 -18.68 12.21
N ASP B 403 -17.40 -19.12 13.44
CA ASP B 403 -17.02 -20.46 13.86
C ASP B 403 -17.69 -21.52 12.99
N SER B 404 -18.97 -21.32 12.66
CA SER B 404 -19.68 -22.29 11.82
C SER B 404 -19.02 -22.41 10.46
N MET B 405 -18.68 -21.27 9.84
CA MET B 405 -18.04 -21.30 8.53
C MET B 405 -16.73 -22.06 8.58
N LEU B 406 -15.94 -21.83 9.63
CA LEU B 406 -14.64 -22.49 9.73
C LEU B 406 -14.80 -23.97 10.01
N ASN B 407 -15.70 -24.32 10.94
CA ASN B 407 -15.90 -25.72 11.31
C ASN B 407 -16.45 -26.54 10.16
N LYS B 408 -17.39 -25.97 9.40
CA LYS B 408 -17.93 -26.66 8.23
C LYS B 408 -16.81 -26.98 7.24
N ALA B 409 -15.97 -25.99 6.94
CA ALA B 409 -14.89 -26.24 6.00
C ALA B 409 -13.89 -27.24 6.55
N ARG B 410 -13.58 -27.18 7.85
CA ARG B 410 -12.60 -28.12 8.40
C ARG B 410 -13.13 -29.55 8.38
N LYS B 411 -14.41 -29.73 8.72
CA LYS B 411 -15.04 -31.05 8.66
C LYS B 411 -15.01 -31.61 7.24
N GLU B 412 -15.33 -30.77 6.26
CA GLU B 412 -15.28 -31.19 4.86
C GLU B 412 -13.85 -31.55 4.44
N MET B 413 -12.87 -30.70 4.81
CA MET B 413 -11.48 -30.99 4.45
C MET B 413 -10.99 -32.32 5.07
N ASN B 414 -11.25 -32.52 6.36
CA ASN B 414 -10.74 -33.72 7.04
C ASN B 414 -11.35 -35.00 6.46
N GLU B 415 -12.63 -34.94 6.08
CA GLU B 415 -13.26 -36.11 5.45
C GLU B 415 -12.68 -36.41 4.09
N ARG B 416 -12.01 -35.43 3.47
CA ARG B 416 -11.47 -35.57 2.13
C ARG B 416 -9.95 -35.82 2.14
N ILE B 417 -9.40 -36.21 3.28
CA ILE B 417 -8.01 -36.65 3.38
C ILE B 417 -8.03 -38.14 3.68
N VAL B 418 -7.47 -38.93 2.77
CA VAL B 418 -7.55 -40.39 2.83
C VAL B 418 -6.15 -40.95 2.96
N VAL B 419 -5.96 -41.89 3.88
CA VAL B 419 -4.70 -42.63 3.97
C VAL B 419 -4.72 -43.69 2.87
N THR B 420 -3.79 -43.58 1.92
CA THR B 420 -3.70 -44.46 0.75
C THR B 420 -2.31 -45.12 0.78
N ARG B 421 -2.27 -46.37 1.25
CA ARG B 421 -1.02 -47.11 1.44
C ARG B 421 -0.45 -47.69 0.16
N THR B 422 -1.25 -47.85 -0.88
CA THR B 422 -0.81 -48.45 -2.13
C THR B 422 -1.26 -47.58 -3.29
N TRP B 423 -0.66 -47.82 -4.46
CA TRP B 423 -1.03 -47.07 -5.65
C TRP B 423 -2.52 -47.19 -6.01
N PRO B 424 -3.13 -48.37 -6.03
CA PRO B 424 -4.57 -48.43 -6.39
C PRO B 424 -5.46 -47.64 -5.46
N GLU B 425 -5.19 -47.71 -4.15
CA GLU B 425 -5.95 -46.89 -3.21
C GLU B 425 -5.75 -45.42 -3.49
N PHE B 426 -4.51 -45.05 -3.84
CA PHE B 426 -4.17 -43.65 -4.12
C PHE B 426 -4.98 -43.12 -5.30
N ILE B 427 -5.02 -43.86 -6.41
CA ILE B 427 -5.73 -43.39 -7.61
C ILE B 427 -7.23 -43.30 -7.35
N LYS B 428 -7.79 -44.29 -6.64
CA LYS B 428 -9.22 -44.28 -6.35
C LYS B 428 -9.60 -43.07 -5.50
N ALA B 429 -8.84 -42.81 -4.43
CA ALA B 429 -9.13 -41.65 -3.59
C ALA B 429 -8.95 -40.36 -4.35
N LEU B 430 -7.90 -40.28 -5.19
CA LEU B 430 -7.64 -39.09 -5.97
C LEU B 430 -8.78 -38.82 -6.96
N ASN B 431 -9.26 -39.86 -7.65
CA ASN B 431 -10.31 -39.67 -8.65
C ASN B 431 -11.67 -39.39 -8.03
N SER B 432 -11.87 -39.67 -6.75
CA SER B 432 -13.09 -39.29 -6.06
C SER B 432 -12.92 -37.98 -5.28
N GLY B 433 -11.93 -37.16 -5.64
CA GLY B 433 -11.81 -35.81 -5.15
C GLY B 433 -11.16 -35.63 -3.80
N ASN B 434 -10.27 -36.55 -3.39
CA ASN B 434 -9.63 -36.46 -2.09
C ASN B 434 -8.18 -36.02 -2.22
N MET B 435 -7.65 -35.51 -1.12
CA MET B 435 -6.20 -35.45 -0.92
C MET B 435 -5.77 -36.75 -0.24
N CYS B 436 -4.52 -37.16 -0.48
CA CYS B 436 -4.08 -38.49 -0.10
C CYS B 436 -2.80 -38.39 0.72
N LEU B 437 -2.75 -39.12 1.84
CA LEU B 437 -1.52 -39.31 2.59
C LEU B 437 -0.85 -40.60 2.12
N ILE B 438 0.38 -40.48 1.64
CA ILE B 438 1.10 -41.64 1.09
C ILE B 438 2.38 -41.90 1.89
N PRO B 439 2.83 -43.15 1.95
CA PRO B 439 4.17 -43.42 2.49
C PRO B 439 5.18 -42.69 1.62
N TRP B 440 6.17 -42.07 2.25
CA TRP B 440 7.05 -41.17 1.51
C TRP B 440 8.50 -41.32 1.95
N HIS B 441 9.41 -41.32 0.96
CA HIS B 441 10.82 -41.10 1.20
C HIS B 441 11.25 -40.04 0.20
N GLU B 442 11.80 -38.93 0.68
CA GLU B 442 12.08 -37.78 -0.17
CA GLU B 442 12.08 -37.78 -0.17
C GLU B 442 12.94 -38.16 -1.37
N SER B 443 12.53 -37.68 -2.54
CA SER B 443 13.22 -37.96 -3.78
C SER B 443 12.55 -37.16 -4.89
N LYS B 444 13.32 -36.34 -5.59
CA LYS B 444 12.76 -35.64 -6.75
C LYS B 444 12.25 -36.61 -7.80
N ALA B 445 13.00 -37.70 -8.06
CA ALA B 445 12.59 -38.68 -9.06
C ALA B 445 11.28 -39.35 -8.66
N ALA B 446 11.12 -39.70 -7.38
CA ALA B 446 9.86 -40.33 -6.96
C ALA B 446 8.70 -39.38 -7.15
N GLU B 447 8.88 -38.10 -6.83
CA GLU B 447 7.80 -37.16 -7.00
C GLU B 447 7.41 -37.01 -8.47
N GLU B 448 8.41 -36.97 -9.36
CA GLU B 448 8.10 -36.86 -10.79
C GLU B 448 7.41 -38.13 -11.29
N TYR B 449 7.82 -39.30 -10.78
CA TYR B 449 7.15 -40.55 -11.15
C TYR B 449 5.67 -40.52 -10.76
N ILE B 450 5.37 -40.09 -9.54
CA ILE B 450 3.98 -40.07 -9.07
C ILE B 450 3.14 -39.14 -9.94
N LYS B 451 3.69 -37.96 -10.26
CA LYS B 451 2.96 -37.00 -11.06
C LYS B 451 2.64 -37.55 -12.45
N GLU B 452 3.64 -38.11 -13.12
CA GLU B 452 3.42 -38.61 -14.48
C GLU B 452 2.43 -39.78 -14.49
N LYS B 453 2.57 -40.70 -13.54
CA LYS B 453 1.73 -41.90 -13.53
C LYS B 453 0.30 -41.57 -13.15
N SER B 454 0.10 -40.68 -12.18
CA SER B 454 -1.26 -40.28 -11.84
C SER B 454 -1.92 -39.51 -12.98
N LYS B 455 -1.15 -38.74 -13.75
CA LYS B 455 -1.72 -38.00 -14.87
C LYS B 455 -2.34 -38.94 -15.89
N LEU B 456 -1.67 -40.05 -16.19
CA LEU B 456 -2.20 -41.01 -17.15
C LEU B 456 -3.51 -41.65 -16.68
N GLU B 457 -3.69 -41.81 -15.37
CA GLU B 457 -4.83 -42.52 -14.81
C GLU B 457 -5.87 -41.59 -14.21
N SER B 458 -5.76 -40.30 -14.41
CA SER B 458 -6.71 -39.36 -13.83
C SER B 458 -7.54 -38.76 -14.95
N VAL B 459 -8.70 -38.24 -14.56
CA VAL B 459 -9.54 -37.47 -15.45
C VAL B 459 -10.06 -36.28 -14.67
N GLN B 460 -10.16 -35.14 -15.33
CA GLN B 460 -10.64 -33.93 -14.68
C GLN B 460 -11.77 -33.36 -15.52
N SER B 461 -12.55 -32.48 -14.89
CA SER B 461 -13.67 -31.86 -15.56
C SER B 461 -13.22 -30.97 -16.70
N GLN B 462 -14.15 -30.71 -17.61
CA GLN B 462 -13.89 -29.77 -18.70
C GLN B 462 -13.57 -28.39 -18.14
N SER B 463 -14.28 -27.99 -17.07
CA SER B 463 -14.02 -26.69 -16.46
C SER B 463 -12.57 -26.58 -16.00
N ASP B 464 -12.06 -27.60 -15.31
CA ASP B 464 -10.66 -27.59 -14.88
C ASP B 464 -9.70 -27.60 -16.08
N ALA B 465 -10.00 -28.41 -17.09
CA ALA B 465 -9.16 -28.43 -18.28
C ALA B 465 -9.12 -27.05 -18.95
N ASN B 466 -10.26 -26.36 -19.02
CA ASN B 466 -10.30 -25.03 -19.63
C ASN B 466 -9.55 -24.02 -18.78
N THR B 467 -9.46 -24.27 -17.46
CA THR B 467 -8.74 -23.41 -16.53
C THR B 467 -7.23 -23.66 -16.56
N GLY B 468 -6.76 -24.53 -17.45
CA GLY B 468 -5.35 -24.84 -17.53
C GLY B 468 -4.83 -25.76 -16.43
N LEU B 469 -5.72 -26.43 -15.70
CA LEU B 469 -5.31 -27.32 -14.63
C LEU B 469 -4.98 -28.70 -15.19
N THR B 470 -4.44 -29.55 -14.31
CA THR B 470 -4.15 -30.92 -14.67
C THR B 470 -4.77 -31.86 -13.65
N GLY B 471 -5.10 -33.06 -14.11
CA GLY B 471 -5.57 -34.09 -13.21
C GLY B 471 -4.47 -34.81 -12.46
N ALA B 472 -3.22 -34.52 -12.79
CA ALA B 472 -2.09 -35.11 -12.10
C ALA B 472 -2.06 -34.71 -10.63
N ALA B 473 -1.61 -35.62 -9.78
CA ALA B 473 -1.35 -35.31 -8.39
C ALA B 473 0.08 -34.81 -8.23
N LYS B 474 0.26 -33.80 -7.38
CA LYS B 474 1.61 -33.42 -6.99
C LYS B 474 1.74 -33.45 -5.47
N SER B 475 2.99 -33.38 -5.00
CA SER B 475 3.18 -33.25 -3.56
C SER B 475 2.63 -31.89 -3.13
N LEU B 476 1.88 -31.89 -2.03
CA LEU B 476 1.34 -30.67 -1.44
C LEU B 476 2.23 -30.21 -0.31
N CYS B 477 2.44 -31.09 0.68
CA CYS B 477 3.39 -30.85 1.76
C CYS B 477 3.62 -32.16 2.50
N VAL B 478 4.70 -32.19 3.26
CA VAL B 478 4.89 -33.19 4.31
C VAL B 478 4.36 -32.58 5.60
N PRO B 479 3.22 -33.03 6.12
CA PRO B 479 2.62 -32.35 7.27
C PRO B 479 3.57 -32.32 8.47
N LEU B 480 3.62 -31.16 9.13
CA LEU B 480 4.48 -31.00 10.31
C LEU B 480 4.07 -31.93 11.41
N ASP B 481 2.76 -32.07 11.63
CA ASP B 481 2.22 -32.89 12.71
C ASP B 481 1.85 -34.25 12.12
N GLN B 482 2.70 -35.25 12.39
CA GLN B 482 2.51 -36.63 11.94
C GLN B 482 1.88 -37.51 13.01
N SER B 483 1.44 -36.93 14.14
CA SER B 483 1.15 -37.72 15.33
C SER B 483 -0.09 -38.59 15.17
N SER B 484 -1.06 -38.17 14.36
CA SER B 484 -2.28 -38.96 14.13
C SER B 484 -2.14 -39.99 13.02
N PHE B 485 -0.99 -40.04 12.32
CA PHE B 485 -0.88 -40.91 11.16
C PHE B 485 -0.54 -42.34 11.54
N PRO B 486 -0.98 -43.31 10.76
CA PRO B 486 -0.75 -44.71 11.12
C PRO B 486 0.69 -45.15 10.91
N SER B 487 0.97 -46.42 11.19
CA SER B 487 2.31 -46.96 11.07
C SER B 487 2.73 -47.10 9.60
N LEU B 488 4.02 -46.88 9.35
CA LEU B 488 4.61 -47.07 8.03
C LEU B 488 5.12 -48.50 7.82
N GLU B 489 5.02 -49.34 8.85
CA GLU B 489 5.61 -50.68 8.78
C GLU B 489 5.08 -51.46 7.58
N GLY B 490 6.00 -52.05 6.82
CA GLY B 490 5.66 -52.88 5.69
C GLY B 490 5.23 -52.14 4.43
N LEU B 491 5.15 -50.83 4.45
CA LEU B 491 4.72 -50.08 3.28
C LEU B 491 5.90 -49.87 2.34
N GLU B 492 5.63 -49.90 1.04
CA GLU B 492 6.66 -49.79 0.01
C GLU B 492 6.65 -48.40 -0.62
N ASN B 493 7.82 -47.99 -1.08
CA ASN B 493 7.94 -46.76 -1.85
C ASN B 493 7.00 -46.81 -3.07
N PHE B 494 6.30 -45.71 -3.33
CA PHE B 494 5.44 -45.67 -4.52
C PHE B 494 6.24 -45.71 -5.80
N TYR B 495 7.52 -45.38 -5.75
CA TYR B 495 8.37 -45.36 -6.92
C TYR B 495 9.16 -46.67 -6.98
N PRO B 496 8.80 -47.63 -7.86
CA PRO B 496 9.47 -48.94 -7.84
C PRO B 496 10.99 -48.88 -8.01
N GLU B 497 11.50 -47.94 -8.81
CA GLU B 497 12.96 -47.81 -8.96
C GLU B 497 13.65 -47.47 -7.64
N GLU B 498 12.94 -46.92 -6.66
CA GLU B 498 13.56 -46.59 -5.38
C GLU B 498 12.97 -47.38 -4.23
N ALA B 499 12.55 -48.63 -4.50
CA ALA B 499 12.10 -49.52 -3.43
C ALA B 499 13.11 -49.61 -2.29
N HIS B 500 14.40 -49.45 -2.59
CA HIS B 500 15.44 -49.52 -1.57
C HIS B 500 15.50 -48.27 -0.69
N LYS B 501 14.73 -47.23 -1.02
CA LYS B 501 14.60 -46.06 -0.14
C LYS B 501 13.29 -46.24 0.65
N LYS B 502 13.42 -46.73 1.88
CA LYS B 502 12.23 -47.09 2.66
C LYS B 502 11.48 -45.83 3.12
N PRO B 503 10.15 -45.83 2.99
CA PRO B 503 9.36 -44.69 3.50
C PRO B 503 9.68 -44.40 4.96
N ASN B 504 9.82 -43.11 5.29
CA ASN B 504 10.05 -42.76 6.68
C ASN B 504 9.18 -41.59 7.15
N CYS B 505 8.14 -41.23 6.41
CA CYS B 505 7.13 -40.26 6.86
C CYS B 505 5.95 -40.38 5.92
N TRP B 506 4.90 -39.61 6.21
CA TRP B 506 3.74 -39.50 5.36
C TRP B 506 3.76 -38.15 4.64
N ALA B 507 3.44 -38.16 3.35
CA ALA B 507 3.37 -36.94 2.57
C ALA B 507 1.95 -36.75 2.04
N LEU B 508 1.50 -35.51 2.00
CA LEU B 508 0.20 -35.18 1.44
C LEU B 508 0.35 -34.89 -0.05
N PHE B 509 -0.36 -35.66 -0.87
CA PHE B 509 -0.38 -35.50 -2.33
C PHE B 509 -1.81 -35.25 -2.78
N GLY B 510 -1.97 -34.53 -3.90
CA GLY B 510 -3.30 -34.32 -4.44
C GLY B 510 -3.25 -33.43 -5.65
N ARG B 511 -4.44 -33.20 -6.22
CA ARG B 511 -4.54 -32.21 -7.27
C ARG B 511 -4.43 -30.82 -6.67
N SER B 512 -4.06 -29.84 -7.50
CA SER B 512 -3.89 -28.49 -7.01
C SER B 512 -4.16 -27.48 -8.11
N TYR B 513 -4.17 -26.20 -7.70
CA TYR B 513 -4.16 -25.08 -8.63
C TYR B 513 -2.71 -24.79 -9.03
P AMP C . 1.25 16.43 -11.62
O1P AMP C . 2.55 17.06 -12.10
O2P AMP C . 0.58 15.31 -12.57
O3P AMP C . 0.16 17.44 -11.20
O5' AMP C . 1.61 15.71 -10.25
C5' AMP C . 0.65 14.90 -9.59
C4' AMP C . 1.14 14.47 -8.23
O4' AMP C . 2.33 13.65 -8.38
C3' AMP C . 1.55 15.61 -7.30
O3' AMP C . 1.28 15.23 -5.95
C2' AMP C . 3.05 15.72 -7.52
O2' AMP C . 3.75 16.29 -6.43
C1' AMP C . 3.44 14.26 -7.75
N9 AMP C . 4.60 14.03 -8.61
C8 AMP C . 4.67 14.25 -9.96
N7 AMP C . 5.79 13.83 -10.52
C5 AMP C . 6.51 13.31 -9.45
C6 AMP C . 7.77 12.68 -9.37
N6 AMP C . 8.55 12.44 -10.43
N1 AMP C . 8.19 12.26 -8.16
C2 AMP C . 7.39 12.45 -7.10
N3 AMP C . 6.18 13.03 -7.06
C4 AMP C . 5.80 13.43 -8.27
N PRO D . -3.86 11.97 -12.10
CA PRO D . -3.63 13.39 -11.82
C PRO D . -2.15 13.72 -12.01
O PRO D . -1.37 12.82 -12.39
CB PRO D . -4.05 13.55 -10.35
CG PRO D . -3.86 12.15 -9.76
CD PRO D . -4.24 11.22 -10.88
OXT PRO D . -1.72 14.85 -11.81
MG MG E . 5.69 15.85 -14.57
C1 EDO F . 1.79 15.12 20.38
O1 EDO F . 0.56 14.43 20.66
C2 EDO F . 1.96 15.21 18.86
O2 EDO F . 1.02 16.17 18.36
C1 EDO G . 19.65 5.95 -7.71
O1 EDO G . 19.32 5.85 -6.31
C2 EDO G . 20.19 7.33 -8.10
O2 EDO G . 19.64 7.78 -9.35
C1 EDO H . 10.19 25.51 25.52
O1 EDO H . 10.69 26.36 24.48
C2 EDO H . 10.58 26.13 26.87
O2 EDO H . 9.48 26.93 27.32
C1 EDO I . 18.48 18.75 -4.27
O1 EDO I . 19.49 18.07 -5.01
C2 EDO I . 18.95 20.16 -3.90
O2 EDO I . 18.49 21.03 -4.94
C1 EDO J . 15.37 25.41 8.72
O1 EDO J . 14.56 25.91 9.80
C2 EDO J . 16.80 25.19 9.19
O2 EDO J . 17.33 26.42 9.71
C1 EDO K . 18.19 -1.42 8.69
O1 EDO K . 18.84 -0.77 9.79
C2 EDO K . 16.89 -0.69 8.37
O2 EDO K . 17.20 0.57 7.77
C1 EDO L . 5.54 2.07 -27.84
O1 EDO L . 6.85 2.60 -28.11
C2 EDO L . 5.28 0.80 -28.63
O2 EDO L . 6.53 0.17 -28.96
P AMP M . 5.73 -18.85 -3.88
O1P AMP M . 7.01 -18.06 -4.36
O2P AMP M . 5.05 -19.83 -4.90
O3P AMP M . 6.06 -19.51 -2.55
O5' AMP M . 4.57 -17.83 -3.46
C5' AMP M . 4.82 -16.75 -2.56
C4' AMP M . 3.54 -16.10 -2.13
O4' AMP M . 2.90 -15.51 -3.29
C3' AMP M . 2.52 -17.06 -1.53
O3' AMP M . 1.75 -16.39 -0.52
C2' AMP M . 1.64 -17.42 -2.74
O2' AMP M . 0.32 -17.80 -2.39
C1' AMP M . 1.65 -16.12 -3.54
N9 AMP M . 1.53 -16.28 -5.00
C8 AMP M . 2.46 -16.87 -5.83
N7 AMP M . 2.20 -16.70 -7.11
C5 AMP M . 1.02 -15.97 -7.12
C6 AMP M . 0.24 -15.46 -8.17
N6 AMP M . 0.55 -15.59 -9.47
N1 AMP M . -0.88 -14.77 -7.84
C2 AMP M . -1.18 -14.62 -6.55
N3 AMP M . -0.51 -15.05 -5.47
C4 AMP M . 0.59 -15.72 -5.83
N PRO N . 10.09 -14.15 -1.58
CA PRO N . 9.47 -15.43 -1.26
C PRO N . 8.63 -15.97 -2.42
O PRO N . 8.02 -17.04 -2.32
CB PRO N . 8.60 -15.13 -0.04
CG PRO N . 8.31 -13.63 -0.16
CD PRO N . 9.58 -13.06 -0.71
OXT PRO N . 8.56 -15.34 -3.49
MG MG O . 5.00 -19.69 -9.11
C1 EDO P . -16.69 -10.05 14.66
O1 EDO P . -16.00 -11.13 15.30
C2 EDO P . -17.65 -9.39 15.64
O2 EDO P . -16.92 -8.63 16.62
C1 EDO Q . -8.30 -11.63 -17.78
O1 EDO Q . -7.07 -12.35 -17.91
C2 EDO Q . -8.00 -10.15 -17.56
O2 EDO Q . -8.83 -9.65 -16.51
C1 EDO R . -29.76 -19.21 16.11
O1 EDO R . -29.02 -18.57 17.15
C2 EDO R . -29.12 -18.88 14.78
O2 EDO R . -28.22 -19.92 14.38
C1 EDO S . -11.59 -21.11 -11.31
O1 EDO S . -11.64 -20.67 -12.66
C2 EDO S . -12.16 -22.52 -11.18
O2 EDO S . -11.08 -23.47 -11.25
C1 EDO T . -20.88 -23.55 0.38
O1 EDO T . -20.62 -23.75 -1.02
C2 EDO T . -19.64 -23.93 1.16
O2 EDO T . -19.97 -23.90 2.55
C1 EDO U . -17.95 1.05 -7.13
O1 EDO U . -19.00 1.14 -8.10
C2 EDO U . -17.23 -0.27 -7.34
O2 EDO U . -16.08 -0.11 -8.17
#